data_7N4K
#
_entry.id   7N4K
#
_cell.length_a   54.140
_cell.length_b   72.530
_cell.length_c   107.720
_cell.angle_alpha   90.000
_cell.angle_beta   101.360
_cell.angle_gamma   90.000
#
_symmetry.space_group_name_H-M   'P 1 21 1'
#
loop_
_entity.id
_entity.type
_entity.pdbx_description
1 polymer 'H-2 class I histocompatibility antigen, D-B alpha chain'
2 polymer Beta-2-microglobulin
3 polymer 'Peptide from Polymerase acidic protein'
4 polymer 'Fusion protein of T cell receptor alpha variable 21-DV12 and T-cell receptor, sp3.4 alpha chain'
5 polymer 'Fusion protein of T cell receptor beta, variable 29 and Human nkt tcr beta chain'
6 non-polymer 'SODIUM ION'
7 water water
#
loop_
_entity_poly.entity_id
_entity_poly.type
_entity_poly.pdbx_seq_one_letter_code
_entity_poly.pdbx_strand_id
1 'polypeptide(L)'
;GPHSMRYFETAVSRPGLEEPRYISVGYVDNKEFVRFDSDAENPRYEPRAPWMEQEGPEYWERETQKAKGQEQWFRVSLRN
LLGYYNQSAGGSHTLQQMSGCDLGSDWRLLRGYLQFAYEGRDYIALNEDLKTWTAADMAAQITRRKWEQSGAAEHYKAYL
EGECVEWLHRYLKNGNATLLRTDSPKAHVTHHPRSKGEVTLRCWALGFYPADITLTWQLNGEELTQDMELVETRPAGDGT
FQKWASVVVPLGKEQNYTCRVYHEGLPEPLTLRWEPP
;
A
2 'polypeptide(L)'
;MIQRTPKIQVYSRHPAENGKSNFLNCYVSGFHPSDIEVDLLKNGERIEKVEHSDLSFSKDWSFYLLYYTEFTPTEKDEYA
CRVNHVTLSQPKIVKWDRDM
;
B
3 'polypeptide(L)' SSLENFRAYV C
4 'polypeptide(L)'
;KTTQPDSMESTEGETVHLPCSHATISGNEYIYWYRQVPLQGPEYVTHGLQQNTTNSMAFLAIASDRKSSTLILPHVSLRD
AAVYHCILSGGSNYKLTFGKGTLLTVTPNIQNPDPAVYQLRDSKSSDKSVCLFTDFDSQTNVSQSKDSDVYITDKCVLDM
RSMDFKSNSAVAWSNKSDFACANAFNNSIIPEDTFFPSP
;
D
5 'polypeptide(L)'
;DMKVTQMPRYLIKRMGENVLLECGQDMSHETMYWYRQDPGLGLQLIYISYDVDSNSEGDIPKGYRVSRKKREHFSLILDS
AKTNQTSVYFCASSFGREQYFGPGTRLTVLEDLKNVFPPEVAVFEPSEAEISHTQKATLVCLATGFYPDHVELSWWVNGK
EVHSGVCTDPQPLKEQPALNDSRYALSSRLRVSATFWQNPRNHFRCQVQFYGLSENDEWTQDRAKPVTQIVSAEAWGRAD
;
E
#
loop_
_chem_comp.id
_chem_comp.type
_chem_comp.name
_chem_comp.formula
NA non-polymer 'SODIUM ION' 'Na 1'
#
# COMPACT_ATOMS: atom_id res chain seq x y z
N GLY A 1 -3.98 -23.55 29.38
CA GLY A 1 -4.97 -22.57 29.81
C GLY A 1 -4.96 -21.28 29.00
N PRO A 2 -5.29 -20.11 29.60
CA PRO A 2 -5.27 -18.84 28.83
C PRO A 2 -3.86 -18.30 28.64
N HIS A 3 -3.57 -17.76 27.44
CA HIS A 3 -2.24 -17.24 27.10
C HIS A 3 -2.35 -15.95 26.28
N SER A 4 -1.27 -15.17 26.24
CA SER A 4 -1.28 -13.92 25.48
C SER A 4 0.04 -13.61 24.79
N MET A 5 -0.02 -12.79 23.74
CA MET A 5 1.15 -12.28 23.03
C MET A 5 0.87 -10.80 22.81
N ARG A 6 1.89 -9.96 22.96
CA ARG A 6 1.75 -8.52 22.75
C ARG A 6 3.04 -7.99 22.17
N TYR A 7 2.90 -6.94 21.34
CA TYR A 7 4.02 -6.16 20.85
C TYR A 7 3.76 -4.69 21.23
N PHE A 8 4.73 -4.08 21.91
CA PHE A 8 4.69 -2.69 22.37
C PHE A 8 5.70 -1.93 21.57
N GLU A 9 5.23 -1.03 20.69
CA GLU A 9 6.08 -0.26 19.79
C GLU A 9 6.08 1.21 20.17
N THR A 10 7.24 1.82 20.12
CA THR A 10 7.41 3.23 20.39
C THR A 10 8.20 3.83 19.24
N ALA A 11 7.70 4.93 18.65
CA ALA A 11 8.47 5.65 17.61
C ALA A 11 8.48 7.12 18.01
N VAL A 12 9.68 7.71 18.00
CA VAL A 12 9.85 9.13 18.33
C VAL A 12 10.39 9.82 17.07
N SER A 13 9.68 10.82 16.56
CA SER A 13 10.15 11.43 15.31
C SER A 13 11.47 12.16 15.45
N ARG A 14 12.31 12.09 14.41
CA ARG A 14 13.60 12.77 14.31
C ARG A 14 13.63 13.13 12.82
N PRO A 15 12.73 14.06 12.37
CA PRO A 15 12.57 14.29 10.93
C PRO A 15 13.79 14.91 10.24
N GLY A 16 14.69 15.49 11.03
CA GLY A 16 15.95 16.06 10.53
C GLY A 16 17.02 14.98 10.30
N LEU A 17 16.73 13.75 10.76
CA LEU A 17 17.63 12.60 10.60
C LEU A 17 16.95 11.53 9.69
N GLU A 18 17.66 10.44 9.35
CA GLU A 18 17.19 9.41 8.41
C GLU A 18 15.88 8.72 8.79
N GLU A 19 15.77 8.32 10.08
CA GLU A 19 14.62 7.56 10.58
C GLU A 19 14.23 7.96 12.01
N PRO A 20 13.00 7.65 12.47
CA PRO A 20 12.65 7.93 13.86
C PRO A 20 13.35 6.95 14.81
N ARG A 21 13.40 7.27 16.12
CA ARG A 21 13.90 6.32 17.11
C ARG A 21 12.76 5.29 17.16
N TYR A 22 13.06 4.01 16.95
CA TYR A 22 11.97 3.01 16.94
C TYR A 22 12.36 1.78 17.74
N ILE A 23 11.49 1.36 18.68
CA ILE A 23 11.77 0.16 19.46
C ILE A 23 10.49 -0.64 19.49
N SER A 24 10.61 -1.98 19.36
CA SER A 24 9.50 -2.91 19.46
C SER A 24 9.91 -3.98 20.45
N VAL A 25 9.04 -4.23 21.44
CA VAL A 25 9.28 -5.25 22.44
C VAL A 25 8.11 -6.21 22.37
N GLY A 26 8.42 -7.49 22.24
CA GLY A 26 7.41 -8.55 22.22
C GLY A 26 7.37 -9.30 23.52
N TYR A 27 6.17 -9.70 23.93
CA TYR A 27 5.88 -10.40 25.19
C TYR A 27 5.00 -11.59 24.91
N VAL A 28 5.25 -12.68 25.65
CA VAL A 28 4.41 -13.89 25.69
C VAL A 28 4.05 -14.05 27.16
N ASP A 29 2.74 -14.04 27.48
CA ASP A 29 2.24 -14.13 28.86
C ASP A 29 2.90 -13.04 29.72
N ASN A 30 3.01 -11.81 29.17
CA ASN A 30 3.60 -10.63 29.83
C ASN A 30 5.11 -10.72 30.13
N LYS A 31 5.81 -11.72 29.56
CA LYS A 31 7.25 -11.87 29.73
C LYS A 31 7.93 -11.51 28.40
N GLU A 32 8.94 -10.63 28.43
CA GLU A 32 9.65 -10.22 27.21
C GLU A 32 10.34 -11.42 26.50
N PHE A 33 10.17 -11.57 25.19
CA PHE A 33 10.75 -12.70 24.46
C PHE A 33 11.57 -12.28 23.26
N VAL A 34 11.33 -11.04 22.73
CA VAL A 34 12.04 -10.50 21.56
C VAL A 34 12.07 -8.98 21.65
N ARG A 35 12.98 -8.34 20.95
CA ARG A 35 13.05 -6.87 20.87
C ARG A 35 13.79 -6.43 19.64
N PHE A 36 13.39 -5.30 19.06
CA PHE A 36 14.05 -4.65 17.95
C PHE A 36 14.35 -3.25 18.51
N ASP A 37 15.58 -2.76 18.37
CA ASP A 37 15.95 -1.43 18.88
C ASP A 37 16.79 -0.67 17.84
N SER A 38 16.29 0.49 17.36
CA SER A 38 17.04 1.32 16.39
C SER A 38 18.32 1.93 17.05
N ASP A 39 18.39 2.06 18.39
CA ASP A 39 19.55 2.62 19.11
C ASP A 39 20.80 1.70 19.08
N ALA A 40 20.64 0.45 18.61
CA ALA A 40 21.68 -0.57 18.52
C ALA A 40 22.60 -0.34 17.30
N GLU A 41 23.88 -0.79 17.43
CA GLU A 41 24.91 -0.69 16.38
C GLU A 41 24.40 -1.30 15.07
N ASN A 42 23.86 -2.54 15.12
CA ASN A 42 23.27 -3.22 13.98
C ASN A 42 21.81 -3.56 14.33
N PRO A 43 20.85 -2.66 14.05
CA PRO A 43 19.45 -2.95 14.40
C PRO A 43 18.85 -4.21 13.77
N ARG A 44 18.32 -5.08 14.63
CA ARG A 44 17.64 -6.32 14.25
C ARG A 44 16.87 -6.90 15.41
N TYR A 45 15.90 -7.72 15.10
CA TYR A 45 15.15 -8.38 16.16
C TYR A 45 16.09 -9.38 16.78
N GLU A 46 16.07 -9.47 18.10
CA GLU A 46 16.89 -10.41 18.86
C GLU A 46 16.05 -11.15 19.87
N PRO A 47 16.39 -12.44 20.20
CA PRO A 47 15.69 -13.13 21.29
C PRO A 47 16.03 -12.50 22.64
N ARG A 48 15.05 -12.52 23.54
CA ARG A 48 15.13 -11.99 24.90
C ARG A 48 14.68 -13.02 25.89
N ALA A 49 14.50 -14.26 25.43
CA ALA A 49 14.13 -15.43 26.25
C ALA A 49 14.89 -16.58 25.65
N PRO A 50 15.50 -17.48 26.46
CA PRO A 50 16.36 -18.52 25.87
C PRO A 50 15.64 -19.51 24.98
N TRP A 51 14.34 -19.71 25.18
CA TRP A 51 13.57 -20.63 24.36
C TRP A 51 13.33 -20.13 22.94
N MET A 52 13.65 -18.85 22.64
CA MET A 52 13.51 -18.28 21.30
C MET A 52 14.76 -18.52 20.48
N GLU A 53 15.85 -18.91 21.16
CA GLU A 53 17.15 -19.07 20.51
C GLU A 53 17.21 -20.23 19.47
N GLN A 54 16.15 -21.08 19.40
CA GLN A 54 16.00 -22.23 18.51
C GLN A 54 15.12 -21.96 17.27
N GLU A 55 14.80 -20.68 16.97
CA GLU A 55 13.91 -20.34 15.86
C GLU A 55 14.44 -20.57 14.43
N GLY A 56 15.70 -20.28 14.18
CA GLY A 56 16.23 -20.46 12.83
C GLY A 56 16.51 -19.13 12.16
N PRO A 57 17.53 -19.05 11.26
CA PRO A 57 17.92 -17.76 10.66
C PRO A 57 16.85 -16.99 9.88
N GLU A 58 15.98 -17.71 9.14
CA GLU A 58 14.90 -17.14 8.33
C GLU A 58 13.94 -16.32 9.19
N TYR A 59 13.60 -16.83 10.39
CA TYR A 59 12.70 -16.13 11.32
C TYR A 59 13.27 -14.74 11.64
N TRP A 60 14.55 -14.67 12.04
CA TRP A 60 15.20 -13.42 12.43
C TRP A 60 15.34 -12.43 11.29
N GLU A 61 15.66 -12.91 10.08
CA GLU A 61 15.75 -12.05 8.89
C GLU A 61 14.36 -11.52 8.50
N ARG A 62 13.34 -12.37 8.63
CA ARG A 62 11.96 -11.99 8.32
C ARG A 62 11.47 -10.93 9.32
N GLU A 63 11.70 -11.14 10.63
CA GLU A 63 11.26 -10.20 11.67
C GLU A 63 11.93 -8.85 11.49
N THR A 64 13.26 -8.86 11.20
CA THR A 64 14.06 -7.65 10.99
C THR A 64 13.51 -6.85 9.82
N GLN A 65 13.13 -7.52 8.73
CA GLN A 65 12.58 -6.82 7.56
C GLN A 65 11.26 -6.15 7.90
N LYS A 66 10.42 -6.80 8.73
CA LYS A 66 9.14 -6.21 9.14
C LYS A 66 9.39 -4.95 9.95
N ALA A 67 10.40 -4.97 10.83
CA ALA A 67 10.77 -3.81 11.65
C ALA A 67 11.22 -2.63 10.79
N LYS A 68 12.01 -2.90 9.73
CA LYS A 68 12.42 -1.84 8.82
C LYS A 68 11.21 -1.24 8.09
N GLY A 69 10.21 -2.08 7.82
CA GLY A 69 8.94 -1.65 7.24
C GLY A 69 8.19 -0.79 8.25
N GLN A 70 8.13 -1.23 9.53
CA GLN A 70 7.44 -0.45 10.57
C GLN A 70 8.11 0.92 10.74
N GLU A 71 9.45 0.97 10.73
CA GLU A 71 10.21 2.23 10.84
C GLU A 71 9.75 3.26 9.84
N GLN A 72 9.53 2.84 8.60
CA GLN A 72 9.07 3.72 7.53
C GLN A 72 7.59 4.10 7.76
N TRP A 73 6.76 3.12 8.19
CA TRP A 73 5.33 3.36 8.45
C TRP A 73 5.22 4.43 9.55
N PHE A 74 6.03 4.31 10.62
CA PHE A 74 6.03 5.30 11.70
C PHE A 74 6.54 6.67 11.22
N ARG A 75 7.57 6.69 10.38
CA ARG A 75 8.13 7.95 9.88
C ARG A 75 7.11 8.79 9.07
N VAL A 76 6.44 8.15 8.09
CA VAL A 76 5.42 8.82 7.28
C VAL A 76 4.21 9.18 8.16
N SER A 77 3.77 8.26 9.07
CA SER A 77 2.66 8.55 9.97
C SER A 77 2.93 9.78 10.85
N LEU A 78 4.13 9.84 11.43
CA LEU A 78 4.53 11.00 12.26
C LEU A 78 4.55 12.30 11.42
N ARG A 79 4.93 12.24 10.14
CA ARG A 79 4.87 13.44 9.28
C ARG A 79 3.38 13.83 9.05
N ASN A 80 2.50 12.85 8.88
CA ASN A 80 1.08 13.17 8.73
C ASN A 80 0.52 13.84 9.99
N LEU A 81 0.91 13.32 11.18
CA LEU A 81 0.47 13.83 12.48
C LEU A 81 0.93 15.25 12.71
N LEU A 82 2.15 15.56 12.26
CA LEU A 82 2.75 16.90 12.29
C LEU A 82 1.81 17.88 11.56
N GLY A 83 1.24 17.48 10.42
CA GLY A 83 0.31 18.29 9.64
C GLY A 83 -1.09 18.35 10.22
N TYR A 84 -1.62 17.23 10.80
CA TYR A 84 -2.96 17.19 11.40
C TYR A 84 -3.05 18.15 12.55
N TYR A 85 -1.93 18.30 13.32
CA TYR A 85 -1.87 19.18 14.49
C TYR A 85 -1.20 20.53 14.22
N ASN A 86 -1.31 20.98 12.97
CA ASN A 86 -0.88 22.29 12.44
C ASN A 86 0.58 22.67 12.71
N GLN A 87 1.49 21.68 12.65
CA GLN A 87 2.95 21.88 12.82
C GLN A 87 3.33 22.46 14.19
N SER A 88 2.54 22.11 15.23
CA SER A 88 2.78 22.49 16.61
C SER A 88 4.19 21.93 16.96
N ALA A 89 5.14 22.81 17.39
CA ALA A 89 6.54 22.44 17.62
C ALA A 89 6.83 21.62 18.87
N GLY A 90 7.71 20.63 18.71
CA GLY A 90 8.13 19.76 19.80
C GLY A 90 9.32 18.89 19.44
N GLY A 91 10.14 18.58 20.43
CA GLY A 91 11.31 17.71 20.23
C GLY A 91 11.02 16.23 20.47
N SER A 92 9.81 15.89 20.99
CA SER A 92 9.52 14.50 21.27
C SER A 92 8.15 13.98 20.77
N HIS A 93 7.79 14.22 19.45
CA HIS A 93 6.52 13.73 18.88
C HIS A 93 6.58 12.19 18.89
N THR A 94 5.75 11.56 19.70
N THR A 94 5.72 11.58 19.71
CA THR A 94 5.83 10.10 19.85
CA THR A 94 5.70 10.13 19.98
C THR A 94 4.53 9.40 19.52
C THR A 94 4.45 9.43 19.47
N LEU A 95 4.65 8.34 18.73
CA LEU A 95 3.54 7.49 18.29
C LEU A 95 3.80 6.14 18.94
N GLN A 96 2.83 5.63 19.73
CA GLN A 96 2.98 4.31 20.38
C GLN A 96 1.89 3.38 19.84
N GLN A 97 2.21 2.09 19.77
CA GLN A 97 1.29 1.07 19.28
C GLN A 97 1.37 -0.12 20.15
N MET A 98 0.20 -0.67 20.52
CA MET A 98 0.17 -1.92 21.24
C MET A 98 -0.72 -2.87 20.45
N SER A 99 -0.28 -4.09 20.22
CA SER A 99 -1.12 -5.06 19.48
C SER A 99 -0.90 -6.43 20.01
N GLY A 100 -1.83 -7.33 19.74
CA GLY A 100 -1.62 -8.70 20.20
C GLY A 100 -2.91 -9.45 20.42
N CYS A 101 -2.79 -10.63 20.95
CA CYS A 101 -3.94 -11.52 21.06
C CYS A 101 -3.96 -12.32 22.36
N ASP A 102 -5.18 -12.65 22.83
CA ASP A 102 -5.41 -13.51 23.99
C ASP A 102 -6.00 -14.81 23.43
N LEU A 103 -5.38 -15.93 23.81
CA LEU A 103 -5.70 -17.29 23.38
C LEU A 103 -6.35 -18.01 24.58
N GLY A 104 -7.42 -18.76 24.32
CA GLY A 104 -8.09 -19.52 25.37
C GLY A 104 -7.62 -20.96 25.43
N SER A 105 -8.02 -21.69 26.50
CA SER A 105 -7.70 -23.13 26.67
C SER A 105 -8.16 -23.97 25.45
N ASP A 106 -9.28 -23.57 24.81
CA ASP A 106 -9.86 -24.24 23.62
C ASP A 106 -9.28 -23.71 22.28
N TRP A 107 -8.14 -22.96 22.34
CA TRP A 107 -7.33 -22.44 21.23
C TRP A 107 -8.04 -21.42 20.32
N ARG A 108 -9.07 -20.76 20.83
CA ARG A 108 -9.79 -19.73 20.08
C ARG A 108 -9.24 -18.33 20.39
N LEU A 109 -9.43 -17.36 19.49
CA LEU A 109 -9.05 -15.99 19.81
C LEU A 109 -10.08 -15.45 20.81
N LEU A 110 -9.64 -15.18 22.04
CA LEU A 110 -10.49 -14.60 23.08
C LEU A 110 -10.67 -13.12 22.81
N ARG A 111 -9.56 -12.43 22.49
CA ARG A 111 -9.61 -11.00 22.23
C ARG A 111 -8.39 -10.56 21.44
N GLY A 112 -8.63 -9.74 20.42
CA GLY A 112 -7.59 -9.16 19.59
C GLY A 112 -7.39 -7.70 19.98
N TYR A 113 -6.14 -7.19 19.94
CA TYR A 113 -5.90 -5.79 20.36
C TYR A 113 -5.09 -5.04 19.35
N LEU A 114 -5.48 -3.79 19.12
CA LEU A 114 -4.73 -2.85 18.31
C LEU A 114 -5.10 -1.46 18.73
N GLN A 115 -4.12 -0.74 19.32
CA GLN A 115 -4.39 0.63 19.75
C GLN A 115 -3.17 1.47 19.63
N PHE A 116 -3.38 2.77 19.39
CA PHE A 116 -2.33 3.73 19.18
C PHE A 116 -2.57 4.90 20.13
N ALA A 117 -1.47 5.54 20.48
CA ALA A 117 -1.39 6.77 21.26
C ALA A 117 -0.46 7.77 20.52
N TYR A 118 -0.80 9.07 20.58
CA TYR A 118 0.06 10.11 20.05
C TYR A 118 0.23 11.09 21.18
N GLU A 119 1.48 11.48 21.45
CA GLU A 119 1.84 12.45 22.51
C GLU A 119 1.33 12.05 23.90
N GLY A 120 1.38 10.75 24.18
CA GLY A 120 0.98 10.20 25.46
C GLY A 120 -0.49 10.05 25.75
N ARG A 121 -1.38 10.31 24.75
CA ARG A 121 -2.84 10.17 24.91
C ARG A 121 -3.39 9.21 23.86
N ASP A 122 -4.51 8.51 24.18
CA ASP A 122 -5.19 7.66 23.18
C ASP A 122 -5.36 8.44 21.88
N TYR A 123 -5.15 7.76 20.73
CA TYR A 123 -5.33 8.38 19.43
C TYR A 123 -6.46 7.63 18.68
N ILE A 124 -6.20 6.38 18.29
CA ILE A 124 -7.18 5.55 17.60
C ILE A 124 -7.01 4.12 18.06
N ALA A 125 -8.13 3.39 18.20
CA ALA A 125 -8.09 1.99 18.63
C ALA A 125 -9.07 1.17 17.83
N LEU A 126 -8.67 -0.08 17.51
CA LEU A 126 -9.56 -1.03 16.88
C LEU A 126 -10.44 -1.53 18.01
N ASN A 127 -11.75 -1.56 17.78
CA ASN A 127 -12.73 -2.03 18.74
C ASN A 127 -12.68 -3.56 18.83
N GLU A 128 -13.24 -4.12 19.93
CA GLU A 128 -13.27 -5.58 20.17
C GLU A 128 -13.77 -6.43 18.99
N ASP A 129 -14.74 -5.90 18.22
CA ASP A 129 -15.32 -6.57 17.05
C ASP A 129 -14.27 -6.79 15.92
N LEU A 130 -13.12 -6.05 15.99
CA LEU A 130 -12.01 -6.07 15.01
C LEU A 130 -12.48 -5.56 13.66
N LYS A 131 -13.51 -4.71 13.71
CA LYS A 131 -14.16 -4.18 12.50
C LYS A 131 -14.30 -2.67 12.51
N THR A 132 -14.43 -2.04 13.69
CA THR A 132 -14.66 -0.60 13.78
C THR A 132 -13.59 0.07 14.63
N TRP A 133 -13.45 1.38 14.52
CA TRP A 133 -12.41 2.15 15.22
C TRP A 133 -13.02 3.18 16.15
N THR A 134 -12.37 3.41 17.30
CA THR A 134 -12.70 4.46 18.26
C THR A 134 -11.62 5.53 18.06
N ALA A 135 -12.03 6.78 17.69
CA ALA A 135 -11.13 7.91 17.43
C ALA A 135 -11.24 8.88 18.61
N ALA A 136 -10.11 9.30 19.17
CA ALA A 136 -10.09 10.14 20.39
C ALA A 136 -10.35 11.63 20.17
N ASP A 137 -10.09 12.12 18.96
CA ASP A 137 -10.20 13.54 18.62
C ASP A 137 -10.38 13.76 17.11
N MET A 138 -10.44 15.04 16.70
CA MET A 138 -10.59 15.46 15.32
C MET A 138 -9.54 14.86 14.37
N ALA A 139 -8.25 14.90 14.76
CA ALA A 139 -7.16 14.35 13.95
C ALA A 139 -7.35 12.84 13.79
N ALA A 140 -7.65 12.11 14.88
CA ALA A 140 -7.93 10.67 14.80
C ALA A 140 -9.13 10.34 13.90
N GLN A 141 -10.11 11.25 13.81
CA GLN A 141 -11.27 11.05 12.90
C GLN A 141 -10.86 11.08 11.44
N ILE A 142 -9.83 11.86 11.08
CA ILE A 142 -9.25 11.94 9.73
C ILE A 142 -8.65 10.53 9.43
N THR A 143 -7.86 10.00 10.39
CA THR A 143 -7.25 8.67 10.27
C THR A 143 -8.34 7.61 10.11
N ARG A 144 -9.41 7.67 10.96
CA ARG A 144 -10.51 6.71 10.92
CA ARG A 144 -10.49 6.68 10.92
C ARG A 144 -11.18 6.67 9.56
N ARG A 145 -11.45 7.85 8.98
CA ARG A 145 -12.10 7.90 7.65
C ARG A 145 -11.21 7.28 6.56
N LYS A 146 -9.91 7.57 6.64
CA LYS A 146 -8.92 7.03 5.72
C LYS A 146 -8.87 5.48 5.81
N TRP A 147 -8.83 4.95 7.01
CA TRP A 147 -8.74 3.51 7.28
C TRP A 147 -10.05 2.78 6.98
N GLU A 148 -11.20 3.46 7.17
CA GLU A 148 -12.49 2.85 6.79
C GLU A 148 -12.56 2.76 5.26
N GLN A 149 -12.10 3.80 4.56
CA GLN A 149 -12.09 3.82 3.08
C GLN A 149 -11.16 2.78 2.49
N SER A 150 -9.98 2.58 3.09
CA SER A 150 -9.02 1.60 2.58
C SER A 150 -9.19 0.20 3.11
N GLY A 151 -10.16 -0.04 4.01
CA GLY A 151 -10.40 -1.37 4.60
C GLY A 151 -9.29 -1.85 5.52
N ALA A 152 -8.62 -0.92 6.23
CA ALA A 152 -7.49 -1.29 7.09
C ALA A 152 -7.84 -2.35 8.17
N ALA A 153 -9.02 -2.23 8.81
CA ALA A 153 -9.41 -3.17 9.87
C ALA A 153 -9.31 -4.66 9.48
N GLU A 154 -9.62 -4.97 8.20
CA GLU A 154 -9.55 -6.35 7.70
C GLU A 154 -8.13 -6.94 7.72
N HIS A 155 -7.13 -6.13 7.43
CA HIS A 155 -5.74 -6.55 7.48
C HIS A 155 -5.36 -6.89 8.93
N TYR A 156 -5.73 -6.01 9.88
CA TYR A 156 -5.40 -6.23 11.30
C TYR A 156 -6.16 -7.43 11.87
N LYS A 157 -7.47 -7.53 11.55
CA LYS A 157 -8.28 -8.68 11.99
C LYS A 157 -7.66 -9.98 11.50
N ALA A 158 -7.27 -10.04 10.21
CA ALA A 158 -6.65 -11.25 9.63
C ALA A 158 -5.35 -11.63 10.37
N TYR A 159 -4.54 -10.63 10.73
CA TYR A 159 -3.35 -10.90 11.55
C TYR A 159 -3.69 -11.46 12.95
N LEU A 160 -4.62 -10.82 13.65
CA LEU A 160 -4.99 -11.18 15.02
C LEU A 160 -5.62 -12.56 15.14
N GLU A 161 -6.49 -12.91 14.18
N GLU A 161 -6.46 -12.94 14.18
CA GLU A 161 -7.21 -14.19 14.10
CA GLU A 161 -7.12 -14.24 14.18
C GLU A 161 -6.31 -15.32 13.56
C GLU A 161 -6.22 -15.33 13.65
N GLY A 162 -5.27 -14.96 12.80
CA GLY A 162 -4.37 -15.88 12.13
C GLY A 162 -2.99 -16.01 12.72
N GLU A 163 -2.04 -15.34 12.05
CA GLU A 163 -0.63 -15.29 12.38
C GLU A 163 -0.35 -15.13 13.88
N CYS A 164 -1.06 -14.19 14.54
CA CYS A 164 -0.85 -13.92 15.98
C CYS A 164 -1.10 -15.19 16.82
N VAL A 165 -2.25 -15.83 16.62
CA VAL A 165 -2.67 -17.08 17.28
C VAL A 165 -1.74 -18.25 16.92
N GLU A 166 -1.39 -18.41 15.62
CA GLU A 166 -0.53 -19.51 15.18
C GLU A 166 0.85 -19.45 15.84
N TRP A 167 1.46 -18.27 15.83
CA TRP A 167 2.78 -18.11 16.39
C TRP A 167 2.76 -18.17 17.90
N LEU A 168 1.69 -17.68 18.56
CA LEU A 168 1.60 -17.81 20.01
C LEU A 168 1.66 -19.32 20.40
N HIS A 169 1.00 -20.21 19.60
CA HIS A 169 1.05 -21.68 19.80
C HIS A 169 2.46 -22.21 19.71
N ARG A 170 3.17 -21.87 18.61
CA ARG A 170 4.55 -22.26 18.36
C ARG A 170 5.46 -21.85 19.54
N TYR A 171 5.29 -20.63 20.04
CA TYR A 171 6.08 -20.14 21.17
C TYR A 171 5.83 -20.93 22.45
N LEU A 172 4.56 -21.21 22.76
CA LEU A 172 4.20 -21.97 23.95
C LEU A 172 4.80 -23.39 23.93
N LYS A 173 4.84 -24.04 22.76
CA LYS A 173 5.47 -25.36 22.57
C LYS A 173 7.01 -25.25 22.75
N ASN A 174 7.65 -24.21 22.16
CA ASN A 174 9.10 -23.94 22.28
C ASN A 174 9.49 -23.74 23.75
N GLY A 175 8.76 -22.85 24.43
CA GLY A 175 9.02 -22.47 25.81
C GLY A 175 8.53 -23.43 26.86
N ASN A 176 8.02 -24.61 26.45
CA ASN A 176 7.43 -25.65 27.31
C ASN A 176 6.44 -24.99 28.31
N ARG A 181 3.73 -21.22 33.54
CA ARG A 181 4.92 -21.41 34.39
C ARG A 181 5.10 -20.18 35.28
N THR A 182 4.22 -20.07 36.25
CA THR A 182 4.16 -19.03 37.27
C THR A 182 5.26 -19.27 38.30
N ASP A 183 5.86 -18.18 38.84
CA ASP A 183 6.81 -18.25 39.94
C ASP A 183 6.05 -17.70 41.17
N SER A 184 5.92 -18.54 42.21
CA SER A 184 5.21 -18.18 43.42
C SER A 184 6.07 -17.22 44.25
N PRO A 185 5.46 -16.29 45.00
CA PRO A 185 6.28 -15.46 45.88
C PRO A 185 6.80 -16.24 47.08
N LYS A 186 8.01 -15.89 47.48
CA LYS A 186 8.67 -16.34 48.70
C LYS A 186 8.64 -15.10 49.57
N ALA A 187 8.06 -15.21 50.75
CA ALA A 187 7.90 -14.09 51.65
C ALA A 187 8.69 -14.20 52.91
N HIS A 188 9.02 -13.06 53.52
CA HIS A 188 9.67 -12.98 54.81
C HIS A 188 9.33 -11.64 55.47
N VAL A 189 9.41 -11.59 56.82
CA VAL A 189 9.09 -10.36 57.55
C VAL A 189 10.40 -9.86 58.15
N THR A 190 10.69 -8.55 57.99
CA THR A 190 11.85 -7.90 58.58
C THR A 190 11.33 -6.99 59.69
N HIS A 191 12.19 -6.70 60.66
CA HIS A 191 11.86 -5.97 61.88
C HIS A 191 12.77 -4.74 62.03
N HIS A 192 12.18 -3.55 62.18
CA HIS A 192 12.95 -2.31 62.21
C HIS A 192 12.58 -1.36 63.34
N PRO A 193 13.56 -0.69 63.99
CA PRO A 193 13.21 0.36 64.98
C PRO A 193 12.43 1.48 64.28
N ARG A 194 11.52 2.15 65.03
CA ARG A 194 10.70 3.25 64.50
CA ARG A 194 10.68 3.24 64.51
C ARG A 194 10.65 4.43 65.48
N SER A 195 10.17 4.19 66.70
CA SER A 195 10.03 5.19 67.77
C SER A 195 10.20 4.48 69.08
N LYS A 196 10.07 5.21 70.21
CA LYS A 196 10.18 4.63 71.56
C LYS A 196 8.98 3.68 71.75
N GLY A 197 9.30 2.41 72.03
CA GLY A 197 8.31 1.37 72.24
C GLY A 197 7.60 0.85 71.00
N GLU A 198 7.96 1.37 69.80
CA GLU A 198 7.30 0.95 68.56
C GLU A 198 8.28 0.38 67.55
N VAL A 199 7.79 -0.50 66.66
CA VAL A 199 8.62 -1.13 65.63
C VAL A 199 7.91 -1.24 64.29
N THR A 200 8.69 -1.25 63.20
CA THR A 200 8.16 -1.43 61.86
C THR A 200 8.33 -2.89 61.47
N LEU A 201 7.21 -3.51 61.06
CA LEU A 201 7.21 -4.87 60.53
C LEU A 201 7.01 -4.74 59.03
N ARG A 202 7.99 -5.21 58.22
CA ARG A 202 7.89 -5.09 56.76
C ARG A 202 7.77 -6.48 56.11
N CYS A 203 6.62 -6.73 55.48
CA CYS A 203 6.36 -7.99 54.82
C CYS A 203 6.82 -7.91 53.39
N TRP A 204 7.82 -8.70 53.03
CA TRP A 204 8.39 -8.73 51.68
C TRP A 204 7.86 -9.90 50.88
N ALA A 205 7.49 -9.68 49.60
CA ALA A 205 7.17 -10.76 48.66
C ALA A 205 8.21 -10.59 47.54
N LEU A 206 9.02 -11.65 47.32
CA LEU A 206 10.11 -11.69 46.33
C LEU A 206 9.99 -12.90 45.41
N GLY A 207 10.63 -12.79 44.25
CA GLY A 207 10.71 -13.87 43.27
C GLY A 207 9.43 -14.28 42.60
N PHE A 208 8.42 -13.40 42.53
CA PHE A 208 7.14 -13.75 41.90
C PHE A 208 6.96 -13.25 40.50
N TYR A 209 6.12 -13.99 39.77
CA TYR A 209 5.71 -13.71 38.40
C TYR A 209 4.40 -14.49 38.15
N PRO A 210 3.31 -13.87 37.63
CA PRO A 210 3.15 -12.47 37.20
C PRO A 210 3.29 -11.45 38.33
N ALA A 211 3.36 -10.16 37.95
CA ALA A 211 3.51 -9.04 38.88
C ALA A 211 2.29 -8.87 39.75
N ASP A 212 1.09 -9.25 39.28
CA ASP A 212 -0.12 -9.05 40.09
C ASP A 212 -0.01 -9.76 41.42
N ILE A 213 -0.18 -9.00 42.49
CA ILE A 213 -0.05 -9.52 43.87
C ILE A 213 -0.80 -8.62 44.83
N THR A 214 -1.18 -9.15 46.01
CA THR A 214 -1.81 -8.37 47.08
C THR A 214 -1.12 -8.76 48.39
N LEU A 215 -0.73 -7.77 49.18
CA LEU A 215 -0.13 -7.96 50.52
C LEU A 215 -1.05 -7.27 51.53
N THR A 216 -1.37 -7.97 52.64
CA THR A 216 -2.19 -7.37 53.67
C THR A 216 -1.67 -7.79 55.02
N TRP A 217 -1.89 -6.93 56.02
CA TRP A 217 -1.53 -7.20 57.39
C TRP A 217 -2.82 -7.37 58.17
N GLN A 218 -2.84 -8.33 59.09
CA GLN A 218 -4.01 -8.61 59.92
C GLN A 218 -3.59 -8.89 61.35
N LEU A 219 -4.55 -8.84 62.28
CA LEU A 219 -4.33 -9.19 63.68
C LEU A 219 -5.46 -10.13 64.08
N ASN A 220 -5.13 -11.42 64.37
CA ASN A 220 -6.09 -12.46 64.77
C ASN A 220 -7.28 -12.48 63.78
N GLY A 221 -6.93 -12.64 62.50
CA GLY A 221 -7.87 -12.69 61.37
C GLY A 221 -8.61 -11.40 61.01
N GLU A 222 -8.37 -10.31 61.75
CA GLU A 222 -9.04 -9.03 61.56
C GLU A 222 -8.14 -7.96 60.93
N GLU A 223 -8.74 -7.07 60.13
CA GLU A 223 -8.02 -5.97 59.50
C GLU A 223 -7.56 -4.96 60.56
N LEU A 224 -6.45 -4.28 60.26
CA LEU A 224 -5.84 -3.26 61.11
C LEU A 224 -6.51 -1.93 60.78
N THR A 225 -6.57 -0.99 61.74
CA THR A 225 -7.17 0.31 61.44
C THR A 225 -6.17 1.17 60.71
N GLN A 226 -4.85 1.07 61.06
CA GLN A 226 -3.78 1.85 60.41
C GLN A 226 -3.67 1.57 58.94
N ASP A 227 -3.23 2.56 58.15
CA ASP A 227 -3.00 2.32 56.72
C ASP A 227 -1.59 1.76 56.58
N MET A 228 -1.45 0.73 55.77
CA MET A 228 -0.18 0.08 55.52
C MET A 228 0.69 0.99 54.65
N GLU A 229 1.99 0.98 54.87
CA GLU A 229 2.88 1.68 53.95
C GLU A 229 3.24 0.60 52.92
N LEU A 230 3.29 0.96 51.66
CA LEU A 230 3.64 -0.02 50.64
C LEU A 230 4.41 0.63 49.54
N VAL A 231 5.04 -0.19 48.73
CA VAL A 231 5.80 0.31 47.61
C VAL A 231 5.09 -0.28 46.38
N GLU A 232 5.15 0.42 45.22
CA GLU A 232 4.53 -0.13 44.01
C GLU A 232 5.35 -1.32 43.61
N THR A 233 4.70 -2.32 42.96
CA THR A 233 5.38 -3.54 42.49
C THR A 233 6.50 -3.16 41.52
N ARG A 234 7.68 -3.73 41.72
CA ARG A 234 8.87 -3.35 40.93
C ARG A 234 9.64 -4.58 40.42
N PRO A 235 10.28 -4.49 39.23
CA PRO A 235 11.00 -5.66 38.71
C PRO A 235 12.33 -5.89 39.45
N ALA A 236 12.70 -7.14 39.67
CA ALA A 236 13.95 -7.48 40.34
C ALA A 236 15.09 -7.43 39.32
N GLY A 237 14.78 -7.65 38.03
CA GLY A 237 15.75 -7.62 36.95
C GLY A 237 16.06 -8.97 36.33
N ASP A 238 15.49 -10.04 36.90
CA ASP A 238 15.68 -11.42 36.45
C ASP A 238 14.34 -12.07 35.95
N GLY A 239 13.33 -11.23 35.65
CA GLY A 239 12.00 -11.64 35.16
C GLY A 239 10.99 -11.85 36.27
N THR A 240 11.40 -11.55 37.49
CA THR A 240 10.64 -11.74 38.72
C THR A 240 10.37 -10.33 39.33
N PHE A 241 9.40 -10.22 40.27
CA PHE A 241 8.98 -8.94 40.86
C PHE A 241 9.10 -8.91 42.37
N GLN A 242 9.10 -7.70 42.94
CA GLN A 242 9.20 -7.48 44.39
C GLN A 242 8.10 -6.57 44.84
N LYS A 243 7.74 -6.71 46.12
CA LYS A 243 6.80 -5.78 46.76
C LYS A 243 6.90 -5.94 48.25
N TRP A 244 6.62 -4.87 49.00
CA TRP A 244 6.57 -4.93 50.44
C TRP A 244 5.42 -4.10 50.97
N ALA A 245 4.95 -4.44 52.17
CA ALA A 245 3.91 -3.71 52.87
C ALA A 245 4.34 -3.69 54.33
N SER A 246 4.30 -2.52 54.99
CA SER A 246 4.73 -2.38 56.38
C SER A 246 3.65 -1.78 57.30
N VAL A 247 3.76 -2.12 58.60
CA VAL A 247 2.89 -1.63 59.70
C VAL A 247 3.77 -1.25 60.86
N VAL A 248 3.29 -0.35 61.71
CA VAL A 248 3.97 0.08 62.91
C VAL A 248 3.22 -0.59 64.09
N VAL A 249 3.96 -1.28 64.93
CA VAL A 249 3.39 -2.14 65.96
C VAL A 249 4.10 -1.94 67.29
N PRO A 250 3.48 -2.23 68.48
CA PRO A 250 4.19 -2.06 69.73
C PRO A 250 5.27 -3.13 69.91
N LEU A 251 6.41 -2.71 70.41
CA LEU A 251 7.55 -3.58 70.73
C LEU A 251 7.05 -4.63 71.76
N GLY A 252 7.28 -5.91 71.46
CA GLY A 252 6.82 -7.00 72.31
C GLY A 252 5.49 -7.62 71.88
N LYS A 253 4.83 -7.03 70.87
CA LYS A 253 3.53 -7.50 70.35
C LYS A 253 3.64 -8.02 68.91
N GLU A 254 4.85 -7.97 68.31
CA GLU A 254 5.09 -8.33 66.91
C GLU A 254 4.55 -9.66 66.47
N GLN A 255 4.71 -10.72 67.30
CA GLN A 255 4.29 -12.10 66.94
C GLN A 255 2.80 -12.26 66.60
N ASN A 256 1.95 -11.37 67.13
CA ASN A 256 0.50 -11.39 66.99
C ASN A 256 0.04 -11.00 65.59
N TYR A 257 0.87 -10.24 64.85
CA TYR A 257 0.51 -9.73 63.53
C TYR A 257 0.83 -10.70 62.42
N THR A 258 -0.06 -10.78 61.43
CA THR A 258 0.18 -11.68 60.31
C THR A 258 0.10 -11.00 58.99
N CYS A 259 1.04 -11.37 58.11
CA CYS A 259 1.03 -10.86 56.76
C CYS A 259 0.42 -11.95 55.87
N ARG A 260 -0.43 -11.57 54.93
CA ARG A 260 -1.03 -12.50 53.96
C ARG A 260 -0.56 -12.06 52.58
N VAL A 261 -0.20 -13.04 51.75
CA VAL A 261 0.27 -12.79 50.39
C VAL A 261 -0.62 -13.52 49.40
N TYR A 262 -1.33 -12.78 48.54
CA TYR A 262 -2.24 -13.36 47.53
C TYR A 262 -1.57 -13.27 46.16
N HIS A 263 -1.47 -14.41 45.48
CA HIS A 263 -0.83 -14.55 44.17
C HIS A 263 -1.42 -15.75 43.42
N GLU A 264 -1.62 -15.63 42.08
CA GLU A 264 -2.16 -16.70 41.24
C GLU A 264 -1.36 -18.01 41.24
N GLY A 265 -0.06 -17.94 41.52
CA GLY A 265 0.80 -19.11 41.56
C GLY A 265 0.73 -19.91 42.84
N LEU A 266 -0.01 -19.39 43.83
CA LEU A 266 -0.19 -19.98 45.14
C LEU A 266 -1.47 -20.83 45.17
N PRO A 267 -1.39 -22.14 45.52
CA PRO A 267 -2.63 -22.94 45.66
C PRO A 267 -3.55 -22.28 46.69
N GLU A 268 -2.96 -21.63 47.73
CA GLU A 268 -3.65 -20.88 48.77
C GLU A 268 -2.77 -19.68 49.24
N PRO A 269 -3.38 -18.52 49.63
CA PRO A 269 -2.56 -17.36 50.06
C PRO A 269 -1.60 -17.64 51.24
N LEU A 270 -0.37 -17.06 51.21
CA LEU A 270 0.63 -17.25 52.27
C LEU A 270 0.17 -16.59 53.56
N THR A 271 0.66 -17.06 54.71
CA THR A 271 0.39 -16.47 56.02
C THR A 271 1.71 -16.62 56.75
N LEU A 272 2.24 -15.50 57.24
CA LEU A 272 3.53 -15.54 57.95
C LEU A 272 3.62 -14.39 58.94
N ARG A 273 4.61 -14.44 59.81
CA ARG A 273 4.77 -13.44 60.85
C ARG A 273 6.23 -13.31 61.26
N TRP A 274 6.53 -12.30 62.05
CA TRP A 274 7.87 -12.16 62.58
C TRP A 274 7.88 -13.02 63.85
N GLU A 275 8.85 -13.93 63.95
CA GLU A 275 8.97 -14.81 65.10
C GLU A 275 9.99 -14.25 66.07
N PRO A 276 9.59 -13.91 67.32
CA PRO A 276 10.55 -13.39 68.30
C PRO A 276 11.41 -14.50 68.93
N PRO A 277 12.67 -14.19 69.34
CA PRO A 277 13.51 -15.23 69.98
C PRO A 277 13.25 -15.32 71.49
N MET B 1 -1.26 16.96 24.15
CA MET B 1 -0.04 16.34 24.68
C MET B 1 -0.07 16.19 26.20
N ILE B 2 0.38 15.04 26.72
CA ILE B 2 0.53 14.80 28.16
C ILE B 2 2.03 14.52 28.40
N GLN B 3 2.63 15.16 29.41
CA GLN B 3 3.98 14.81 29.87
C GLN B 3 3.82 14.35 31.32
N ARG B 4 4.57 13.34 31.76
CA ARG B 4 4.43 12.84 33.13
C ARG B 4 5.82 12.68 33.70
N THR B 5 6.05 13.08 34.97
CA THR B 5 7.42 12.90 35.48
C THR B 5 7.60 11.47 36.02
N PRO B 6 8.82 10.93 35.88
CA PRO B 6 9.07 9.57 36.37
C PRO B 6 8.98 9.43 37.86
N LYS B 7 8.39 8.30 38.30
CA LYS B 7 8.41 7.89 39.71
C LYS B 7 9.71 7.11 39.75
N ILE B 8 10.44 7.17 40.86
CA ILE B 8 11.72 6.46 40.94
C ILE B 8 11.70 5.52 42.12
N GLN B 9 12.27 4.30 41.97
CA GLN B 9 12.53 3.41 43.10
C GLN B 9 13.99 2.94 42.96
N VAL B 10 14.74 2.94 44.07
CA VAL B 10 16.16 2.46 44.11
C VAL B 10 16.22 1.30 45.09
N TYR B 11 16.74 0.16 44.66
CA TYR B 11 16.68 -1.04 45.51
C TYR B 11 17.61 -2.10 44.97
N SER B 12 17.81 -3.21 45.72
CA SER B 12 18.66 -4.29 45.27
C SER B 12 17.82 -5.44 44.73
N ARG B 13 18.37 -6.21 43.81
CA ARG B 13 17.70 -7.37 43.21
C ARG B 13 17.34 -8.41 44.29
N HIS B 14 18.27 -8.68 45.19
CA HIS B 14 18.13 -9.63 46.28
C HIS B 14 18.29 -8.86 47.60
N PRO B 15 17.78 -9.35 48.74
CA PRO B 15 18.01 -8.65 50.02
C PRO B 15 19.51 -8.46 50.24
N ALA B 16 19.93 -7.22 50.51
CA ALA B 16 21.33 -6.82 50.69
C ALA B 16 22.04 -7.57 51.80
N GLU B 17 23.25 -8.06 51.48
CA GLU B 17 24.11 -8.76 52.44
C GLU B 17 25.51 -8.23 52.23
N ASN B 18 26.08 -7.49 53.21
CA ASN B 18 27.42 -6.91 53.06
C ASN B 18 28.43 -7.97 52.63
N GLY B 19 29.22 -7.64 51.62
CA GLY B 19 30.21 -8.55 51.04
C GLY B 19 29.65 -9.62 50.11
N LYS B 20 28.33 -9.57 49.79
CA LYS B 20 27.76 -10.55 48.84
C LYS B 20 27.29 -9.83 47.57
N SER B 21 27.78 -10.28 46.40
CA SER B 21 27.48 -9.71 45.07
C SER B 21 25.97 -9.64 44.86
N ASN B 22 25.51 -8.58 44.23
CA ASN B 22 24.07 -8.32 44.07
C ASN B 22 23.92 -7.39 42.87
N PHE B 23 22.70 -6.86 42.65
CA PHE B 23 22.44 -5.89 41.60
C PHE B 23 21.76 -4.69 42.21
N LEU B 24 22.22 -3.48 41.87
CA LEU B 24 21.62 -2.23 42.29
C LEU B 24 20.69 -1.79 41.15
N ASN B 25 19.42 -1.55 41.47
CA ASN B 25 18.42 -1.18 40.47
C ASN B 25 17.87 0.19 40.68
N CYS B 26 17.60 0.88 39.58
CA CYS B 26 16.85 2.14 39.58
C CYS B 26 15.71 1.94 38.60
N TYR B 27 14.51 1.85 39.12
CA TYR B 27 13.30 1.65 38.35
C TYR B 27 12.61 2.98 38.12
N VAL B 28 12.56 3.42 36.85
CA VAL B 28 11.87 4.66 36.46
C VAL B 28 10.60 4.26 35.75
N SER B 29 9.46 4.78 36.19
CA SER B 29 8.20 4.42 35.57
C SER B 29 7.20 5.60 35.57
N GLY B 30 6.13 5.46 34.81
CA GLY B 30 5.09 6.49 34.75
C GLY B 30 5.49 7.76 34.03
N PHE B 31 6.50 7.70 33.14
CA PHE B 31 6.97 8.95 32.52
C PHE B 31 6.62 9.08 31.06
N HIS B 32 6.55 10.33 30.58
CA HIS B 32 6.26 10.63 29.19
C HIS B 32 6.81 12.04 28.93
N PRO B 33 7.61 12.31 27.87
CA PRO B 33 8.07 11.41 26.79
C PRO B 33 9.14 10.43 27.28
N SER B 34 9.58 9.55 26.37
CA SER B 34 10.51 8.47 26.70
C SER B 34 11.97 8.91 26.93
N ASP B 35 12.38 10.07 26.39
CA ASP B 35 13.76 10.56 26.57
C ASP B 35 14.01 10.79 28.06
N ILE B 36 15.02 10.13 28.62
CA ILE B 36 15.33 10.22 30.05
C ILE B 36 16.82 9.96 30.23
N GLU B 37 17.42 10.53 31.25
CA GLU B 37 18.83 10.29 31.53
C GLU B 37 18.87 9.72 32.94
N VAL B 38 19.48 8.53 33.12
CA VAL B 38 19.50 7.89 34.46
C VAL B 38 20.94 7.49 34.82
N ASP B 39 21.44 7.95 35.96
CA ASP B 39 22.78 7.62 36.42
C ASP B 39 22.68 6.93 37.75
N LEU B 40 23.53 5.89 37.98
CA LEU B 40 23.60 5.21 39.28
C LEU B 40 24.90 5.72 39.89
N LEU B 41 24.86 6.09 41.16
CA LEU B 41 25.99 6.71 41.83
C LEU B 41 26.46 5.90 43.02
N LYS B 42 27.77 5.81 43.19
CA LYS B 42 28.45 5.15 44.30
C LYS B 42 29.24 6.25 45.00
N ASN B 43 28.84 6.60 46.22
CA ASN B 43 29.47 7.64 47.05
C ASN B 43 29.56 8.99 46.27
N GLY B 44 28.52 9.28 45.49
CA GLY B 44 28.37 10.50 44.70
C GLY B 44 29.05 10.49 43.36
N GLU B 45 29.73 9.38 43.00
CA GLU B 45 30.42 9.27 41.73
C GLU B 45 29.62 8.37 40.79
N ARG B 46 29.50 8.80 39.52
CA ARG B 46 28.79 8.09 38.46
C ARG B 46 29.39 6.71 38.15
N ILE B 47 28.54 5.66 38.18
CA ILE B 47 28.95 4.27 37.87
C ILE B 47 28.99 4.10 36.35
N GLU B 48 30.09 3.55 35.85
CA GLU B 48 30.34 3.37 34.41
C GLU B 48 29.62 2.19 33.76
N LYS B 49 29.60 1.03 34.41
CA LYS B 49 29.01 -0.16 33.80
C LYS B 49 27.53 -0.28 34.16
N VAL B 50 26.66 0.55 33.52
CA VAL B 50 25.23 0.49 33.82
C VAL B 50 24.45 0.10 32.58
N GLU B 51 23.59 -0.91 32.71
CA GLU B 51 22.74 -1.35 31.61
C GLU B 51 21.27 -1.03 31.92
N HIS B 52 20.41 -1.13 30.90
CA HIS B 52 19.01 -0.86 31.13
C HIS B 52 18.15 -1.79 30.31
N SER B 53 16.91 -2.01 30.78
CA SER B 53 15.92 -2.86 30.10
C SER B 53 15.45 -2.20 28.81
N ASP B 54 14.71 -2.96 27.99
CA ASP B 54 14.15 -2.42 26.75
C ASP B 54 12.90 -1.62 27.05
N LEU B 55 12.86 -0.39 26.55
CA LEU B 55 11.77 0.56 26.73
C LEU B 55 10.43 0.00 26.36
N SER B 56 9.53 0.03 27.33
CA SER B 56 8.17 -0.40 27.09
C SER B 56 7.27 0.54 27.87
N PHE B 57 5.96 0.27 27.86
CA PHE B 57 4.98 1.15 28.47
C PHE B 57 3.81 0.39 29.09
N SER B 58 3.06 1.10 29.92
CA SER B 58 1.90 0.61 30.68
C SER B 58 0.61 0.96 29.96
N LYS B 59 -0.54 0.56 30.55
CA LYS B 59 -1.84 0.77 29.94
C LYS B 59 -2.21 2.25 29.78
N ASP B 60 -1.64 3.17 30.60
CA ASP B 60 -1.90 4.60 30.43
C ASP B 60 -0.90 5.23 29.45
N TRP B 61 -0.12 4.40 28.74
CA TRP B 61 0.89 4.76 27.71
C TRP B 61 2.21 5.28 28.30
N SER B 62 2.29 5.42 29.64
CA SER B 62 3.50 5.91 30.33
C SER B 62 4.65 4.89 30.26
N PHE B 63 5.89 5.37 30.06
CA PHE B 63 7.05 4.50 29.90
C PHE B 63 7.61 3.96 31.20
N TYR B 64 8.37 2.87 31.10
CA TYR B 64 9.12 2.36 32.26
C TYR B 64 10.40 1.70 31.76
N LEU B 65 11.44 1.81 32.58
CA LEU B 65 12.76 1.26 32.31
C LEU B 65 13.35 0.87 33.64
N LEU B 66 14.17 -0.17 33.60
CA LEU B 66 14.96 -0.55 34.76
C LEU B 66 16.45 -0.34 34.40
N TYR B 67 17.19 0.43 35.22
CA TYR B 67 18.64 0.63 35.08
C TYR B 67 19.30 -0.20 36.17
N TYR B 68 20.34 -0.94 35.84
CA TYR B 68 20.96 -1.83 36.81
C TYR B 68 22.45 -1.99 36.59
N THR B 69 23.13 -2.36 37.67
CA THR B 69 24.57 -2.60 37.71
C THR B 69 24.88 -3.61 38.82
N GLU B 70 25.91 -4.44 38.62
CA GLU B 70 26.34 -5.39 39.67
C GLU B 70 27.08 -4.58 40.73
N PHE B 71 26.85 -4.89 42.02
CA PHE B 71 27.55 -4.24 43.14
C PHE B 71 27.64 -5.22 44.30
N THR B 72 28.59 -4.97 45.20
CA THR B 72 28.81 -5.74 46.40
C THR B 72 28.60 -4.77 47.55
N PRO B 73 27.42 -4.78 48.23
CA PRO B 73 27.20 -3.81 49.30
C PRO B 73 28.14 -3.97 50.50
N THR B 74 28.39 -2.86 51.22
CA THR B 74 29.20 -2.80 52.44
C THR B 74 28.42 -1.99 53.45
N GLU B 75 28.84 -1.98 54.73
CA GLU B 75 28.12 -1.22 55.74
C GLU B 75 28.10 0.30 55.44
N LYS B 76 29.23 0.84 54.98
CA LYS B 76 29.39 2.29 54.78
C LYS B 76 29.19 2.81 53.35
N ASP B 77 29.36 1.99 52.28
CA ASP B 77 29.17 2.50 50.92
C ASP B 77 27.75 2.99 50.71
N GLU B 78 27.62 4.13 50.01
CA GLU B 78 26.30 4.71 49.80
C GLU B 78 26.00 4.76 48.29
N TYR B 79 24.73 4.54 47.95
CA TYR B 79 24.32 4.49 46.55
C TYR B 79 23.11 5.32 46.30
N ALA B 80 22.97 5.78 45.05
CA ALA B 80 21.81 6.57 44.67
C ALA B 80 21.55 6.42 43.19
N CYS B 81 20.42 6.95 42.78
CA CYS B 81 20.07 7.03 41.39
C CYS B 81 19.77 8.51 41.12
N ARG B 82 20.22 9.03 39.96
CA ARG B 82 20.00 10.42 39.56
C ARG B 82 19.28 10.46 38.20
N VAL B 83 18.14 11.15 38.14
CA VAL B 83 17.29 11.15 36.95
C VAL B 83 17.04 12.56 36.42
N ASN B 84 17.18 12.71 35.10
CA ASN B 84 16.78 13.95 34.47
C ASN B 84 15.74 13.65 33.43
N HIS B 85 14.78 14.55 33.26
CA HIS B 85 13.64 14.38 32.37
C HIS B 85 13.14 15.79 32.09
N VAL B 86 12.49 15.98 30.96
CA VAL B 86 12.02 17.28 30.50
C VAL B 86 11.04 17.94 31.49
N THR B 87 10.31 17.13 32.29
CA THR B 87 9.33 17.65 33.24
C THR B 87 9.98 18.11 34.56
N LEU B 88 11.28 17.89 34.72
CA LEU B 88 12.02 18.25 35.95
C LEU B 88 12.78 19.55 35.77
N SER B 89 12.75 20.41 36.80
CA SER B 89 13.49 21.70 36.73
C SER B 89 14.95 21.47 37.09
N GLN B 90 15.22 20.35 37.76
CA GLN B 90 16.57 19.94 38.13
C GLN B 90 16.62 18.43 38.25
N PRO B 91 17.79 17.77 38.07
CA PRO B 91 17.83 16.30 38.27
C PRO B 91 17.34 15.90 39.66
N LYS B 92 16.68 14.77 39.76
CA LYS B 92 16.08 14.27 41.00
C LYS B 92 16.95 13.08 41.45
N ILE B 93 17.47 13.15 42.69
CA ILE B 93 18.35 12.11 43.28
C ILE B 93 17.59 11.31 44.30
N VAL B 94 17.65 9.98 44.21
CA VAL B 94 16.98 9.09 45.19
C VAL B 94 18.03 8.17 45.83
N LYS B 95 18.16 8.20 47.15
CA LYS B 95 19.19 7.39 47.80
C LYS B 95 18.72 5.96 48.00
N TRP B 96 19.66 5.01 47.92
CA TRP B 96 19.33 3.62 48.15
C TRP B 96 19.25 3.35 49.67
N ASP B 97 18.17 2.72 50.12
CA ASP B 97 18.01 2.28 51.51
C ASP B 97 17.76 0.77 51.42
N ARG B 98 18.69 -0.06 51.93
CA ARG B 98 18.59 -1.53 51.87
C ARG B 98 17.33 -2.14 52.49
N ASP B 99 16.69 -1.43 53.41
CA ASP B 99 15.50 -1.90 54.10
C ASP B 99 14.22 -1.52 53.33
N MET B 100 14.35 -0.91 52.13
CA MET B 100 13.16 -0.43 51.42
C MET B 100 13.16 -0.75 49.90
N SER C 1 5.34 -13.53 16.43
CA SER C 1 5.58 -13.00 15.11
C SER C 1 4.90 -11.64 15.03
N SER C 2 5.68 -10.58 14.77
CA SER C 2 5.18 -9.22 14.80
C SER C 2 4.20 -8.87 13.69
N LEU C 3 3.34 -7.92 13.98
CA LEU C 3 2.41 -7.34 13.03
C LEU C 3 3.18 -6.35 12.19
N GLU C 4 2.98 -6.38 10.86
CA GLU C 4 3.51 -5.35 9.97
C GLU C 4 2.24 -4.56 9.63
N ASN C 5 2.25 -3.24 9.85
CA ASN C 5 1.03 -2.45 9.69
C ASN C 5 0.48 -2.41 8.28
N PHE C 6 -0.87 -2.23 8.17
CA PHE C 6 -1.53 -2.10 6.89
C PHE C 6 -0.86 -0.86 6.25
N ARG C 7 -0.60 -0.92 4.92
CA ARG C 7 0.13 0.09 4.14
CA ARG C 7 0.14 0.10 4.17
C ARG C 7 -0.40 1.53 4.33
N ALA C 8 -1.73 1.73 4.57
CA ALA C 8 -2.27 3.08 4.78
C ALA C 8 -1.71 3.64 6.10
N TYR C 9 -1.10 4.80 6.03
CA TYR C 9 -0.52 5.45 7.22
C TYR C 9 -1.59 6.14 8.03
N VAL C 10 -1.22 6.66 9.22
CA VAL C 10 -2.09 7.50 10.06
C VAL C 10 -2.61 8.66 9.17
N LYS D 1 3.50 -15.00 -6.74
CA LYS D 1 3.14 -14.89 -8.15
C LYS D 1 1.81 -15.58 -8.49
N THR D 2 1.16 -15.04 -9.52
CA THR D 2 -0.14 -15.54 -9.96
C THR D 2 0.03 -16.14 -11.31
N THR D 3 -0.90 -17.02 -11.69
CA THR D 3 -0.90 -17.63 -13.02
C THR D 3 -2.30 -17.51 -13.59
N GLN D 4 -2.42 -16.96 -14.79
CA GLN D 4 -3.72 -16.82 -15.43
C GLN D 4 -3.65 -17.35 -16.87
N PRO D 5 -4.79 -17.70 -17.52
CA PRO D 5 -4.70 -18.11 -18.95
C PRO D 5 -4.35 -16.88 -19.82
N ASP D 6 -3.63 -17.06 -20.94
CA ASP D 6 -3.24 -15.92 -21.78
C ASP D 6 -4.43 -15.17 -22.35
N SER D 7 -5.51 -15.89 -22.70
CA SER D 7 -6.65 -15.27 -23.39
C SER D 7 -7.98 -15.84 -22.94
N MET D 8 -9.05 -15.07 -23.18
CA MET D 8 -10.42 -15.45 -22.94
C MET D 8 -11.23 -14.71 -23.99
N GLU D 9 -12.17 -15.41 -24.63
N GLU D 9 -12.17 -15.41 -24.62
CA GLU D 9 -13.04 -14.82 -25.65
CA GLU D 9 -13.05 -14.85 -25.64
C GLU D 9 -14.47 -14.93 -25.15
C GLU D 9 -14.47 -14.92 -25.12
N SER D 10 -15.29 -13.89 -25.42
CA SER D 10 -16.69 -13.87 -25.02
C SER D 10 -17.52 -12.98 -25.91
N THR D 11 -18.85 -13.23 -25.99
CA THR D 11 -19.74 -12.34 -26.71
C THR D 11 -20.35 -11.40 -25.66
N GLU D 12 -20.63 -10.16 -26.01
CA GLU D 12 -21.25 -9.23 -25.08
C GLU D 12 -22.57 -9.79 -24.51
N GLY D 13 -22.84 -9.45 -23.25
CA GLY D 13 -24.07 -9.86 -22.60
C GLY D 13 -23.99 -11.18 -21.85
N GLU D 14 -22.90 -11.96 -22.04
CA GLU D 14 -22.71 -13.24 -21.34
C GLU D 14 -21.81 -13.01 -20.12
N THR D 15 -21.76 -14.00 -19.17
CA THR D 15 -20.88 -13.89 -17.99
C THR D 15 -19.51 -14.38 -18.36
N VAL D 16 -18.50 -13.64 -17.90
CA VAL D 16 -17.10 -13.96 -18.13
C VAL D 16 -16.53 -14.40 -16.80
N HIS D 17 -15.72 -15.47 -16.82
CA HIS D 17 -15.06 -15.98 -15.62
C HIS D 17 -13.59 -15.99 -15.90
N LEU D 18 -12.84 -15.19 -15.14
CA LEU D 18 -11.40 -15.07 -15.31
C LEU D 18 -10.74 -15.74 -14.15
N PRO D 19 -10.12 -16.91 -14.39
CA PRO D 19 -9.47 -17.64 -13.30
C PRO D 19 -8.07 -17.16 -12.98
N CYS D 20 -7.68 -17.36 -11.72
CA CYS D 20 -6.33 -16.98 -11.25
C CYS D 20 -5.85 -17.99 -10.21
N SER D 21 -4.63 -18.49 -10.39
CA SER D 21 -4.01 -19.44 -9.47
C SER D 21 -2.86 -18.75 -8.70
N HIS D 22 -2.81 -18.93 -7.40
CA HIS D 22 -1.83 -18.30 -6.51
C HIS D 22 -1.65 -19.21 -5.28
N ALA D 23 -1.13 -20.44 -5.52
CA ALA D 23 -0.94 -21.47 -4.50
C ALA D 23 0.05 -21.12 -3.40
N THR D 24 0.99 -20.20 -3.65
CA THR D 24 1.98 -19.79 -2.63
C THR D 24 1.65 -18.48 -1.94
N ILE D 25 0.39 -18.06 -2.00
CA ILE D 25 -0.04 -16.84 -1.32
C ILE D 25 0.20 -16.92 0.22
N SER D 26 0.51 -15.79 0.85
CA SER D 26 0.69 -15.73 2.30
C SER D 26 -0.58 -15.13 2.91
N GLY D 27 -0.77 -15.32 4.22
CA GLY D 27 -1.96 -14.82 4.91
C GLY D 27 -2.23 -13.33 4.82
N ASN D 28 -1.16 -12.55 4.61
CA ASN D 28 -1.28 -11.08 4.57
C ASN D 28 -1.39 -10.48 3.15
N GLU D 29 -1.39 -11.32 2.11
CA GLU D 29 -1.44 -10.85 0.72
C GLU D 29 -2.86 -10.77 0.18
N TYR D 30 -3.23 -9.60 -0.29
CA TYR D 30 -4.49 -9.37 -0.98
C TYR D 30 -4.39 -9.87 -2.42
N ILE D 31 -5.58 -10.15 -3.02
CA ILE D 31 -5.70 -10.50 -4.42
C ILE D 31 -6.32 -9.26 -5.05
N TYR D 32 -5.57 -8.57 -5.89
CA TYR D 32 -6.04 -7.38 -6.58
C TYR D 32 -6.24 -7.73 -8.03
N TRP D 33 -7.20 -7.05 -8.66
CA TRP D 33 -7.46 -7.16 -10.08
C TRP D 33 -7.42 -5.77 -10.68
N TYR D 34 -6.56 -5.61 -11.70
CA TYR D 34 -6.43 -4.38 -12.48
C TYR D 34 -6.69 -4.75 -13.93
N ARG D 35 -7.15 -3.81 -14.72
CA ARG D 35 -7.35 -4.05 -16.15
C ARG D 35 -6.74 -2.93 -16.94
N GLN D 36 -6.35 -3.22 -18.18
CA GLN D 36 -5.75 -2.16 -19.01
C GLN D 36 -6.16 -2.38 -20.44
N VAL D 37 -6.80 -1.35 -21.02
CA VAL D 37 -7.15 -1.29 -22.43
C VAL D 37 -5.85 -0.86 -23.14
N PRO D 38 -5.46 -1.51 -24.27
CA PRO D 38 -4.20 -1.16 -24.93
C PRO D 38 -3.92 0.34 -25.03
N LEU D 39 -2.69 0.71 -24.62
CA LEU D 39 -2.12 2.07 -24.61
C LEU D 39 -2.80 3.04 -23.60
N GLN D 40 -3.76 2.56 -22.77
CA GLN D 40 -4.43 3.41 -21.78
C GLN D 40 -3.91 3.14 -20.38
N GLY D 41 -4.23 4.01 -19.44
CA GLY D 41 -3.77 3.82 -18.07
C GLY D 41 -4.50 2.63 -17.45
N PRO D 42 -3.77 1.75 -16.72
CA PRO D 42 -4.44 0.64 -16.03
C PRO D 42 -5.44 1.20 -15.04
N GLU D 43 -6.46 0.39 -14.74
CA GLU D 43 -7.54 0.79 -13.87
C GLU D 43 -7.86 -0.36 -12.88
N TYR D 44 -7.95 -0.03 -11.57
CA TYR D 44 -8.34 -0.99 -10.50
C TYR D 44 -9.75 -1.53 -10.83
N VAL D 45 -9.98 -2.83 -10.61
CA VAL D 45 -11.28 -3.44 -10.85
C VAL D 45 -11.85 -3.81 -9.47
N THR D 46 -11.10 -4.66 -8.72
CA THR D 46 -11.55 -5.09 -7.39
C THR D 46 -10.40 -5.71 -6.64
N HIS D 47 -10.61 -6.02 -5.36
CA HIS D 47 -9.64 -6.75 -4.54
C HIS D 47 -10.35 -7.43 -3.39
N GLY D 48 -9.70 -8.41 -2.80
CA GLY D 48 -10.24 -9.09 -1.64
C GLY D 48 -9.13 -9.79 -0.89
N LEU D 49 -9.38 -10.12 0.37
CA LEU D 49 -8.38 -10.85 1.13
C LEU D 49 -8.91 -12.31 1.26
N GLN D 50 -10.19 -12.47 1.60
CA GLN D 50 -10.82 -13.80 1.77
C GLN D 50 -12.24 -13.83 1.15
N GLN D 51 -12.68 -15.02 0.75
CA GLN D 51 -14.04 -15.31 0.26
C GLN D 51 -14.56 -14.38 -0.89
N ASN D 52 -15.73 -13.73 -0.72
CA ASN D 52 -16.31 -13.01 -1.85
C ASN D 52 -16.43 -11.49 -1.68
N THR D 53 -16.24 -10.73 -2.78
N THR D 53 -16.27 -10.75 -2.80
CA THR D 53 -16.41 -9.28 -2.80
CA THR D 53 -16.35 -9.30 -2.88
C THR D 53 -17.17 -8.86 -4.05
C THR D 53 -17.20 -8.90 -4.09
N THR D 54 -18.17 -8.00 -3.85
CA THR D 54 -19.02 -7.48 -4.92
C THR D 54 -18.92 -5.94 -4.99
N ASN D 55 -18.71 -5.41 -6.19
CA ASN D 55 -18.73 -3.97 -6.42
C ASN D 55 -19.45 -3.75 -7.74
N SER D 56 -19.59 -2.48 -8.16
CA SER D 56 -20.28 -2.11 -9.40
C SER D 56 -19.64 -2.69 -10.66
N MET D 57 -18.31 -2.87 -10.63
CA MET D 57 -17.54 -3.35 -11.79
C MET D 57 -17.47 -4.88 -11.91
N ALA D 58 -17.37 -5.61 -10.77
CA ALA D 58 -17.19 -7.05 -10.83
C ALA D 58 -17.49 -7.80 -9.54
N PHE D 59 -17.43 -9.14 -9.59
CA PHE D 59 -17.56 -10.03 -8.45
C PHE D 59 -16.23 -10.82 -8.35
N LEU D 60 -15.70 -10.96 -7.15
CA LEU D 60 -14.47 -11.71 -6.92
C LEU D 60 -14.77 -12.87 -5.98
N ALA D 61 -14.43 -14.08 -6.39
CA ALA D 61 -14.65 -15.27 -5.58
C ALA D 61 -13.27 -15.83 -5.24
N ILE D 62 -12.98 -15.98 -3.95
CA ILE D 62 -11.70 -16.53 -3.45
C ILE D 62 -11.99 -17.88 -2.80
N ALA D 63 -11.24 -18.93 -3.19
CA ALA D 63 -11.42 -20.30 -2.64
C ALA D 63 -11.12 -20.30 -1.13
N SER D 64 -11.74 -21.22 -0.37
CA SER D 64 -11.53 -21.28 1.09
C SER D 64 -10.08 -21.45 1.49
N ASP D 65 -9.27 -22.19 0.69
CA ASP D 65 -7.84 -22.37 0.99
C ASP D 65 -6.99 -21.17 0.48
N ARG D 66 -7.63 -20.19 -0.24
CA ARG D 66 -7.03 -18.96 -0.80
C ARG D 66 -6.03 -19.24 -1.91
N LYS D 67 -5.99 -20.47 -2.44
CA LYS D 67 -4.98 -20.82 -3.45
C LYS D 67 -5.37 -20.52 -4.88
N SER D 68 -6.62 -20.10 -5.09
CA SER D 68 -7.13 -19.70 -6.41
C SER D 68 -8.28 -18.72 -6.20
N SER D 69 -8.65 -18.00 -7.26
CA SER D 69 -9.72 -17.01 -7.23
C SER D 69 -10.29 -16.87 -8.62
N THR D 70 -11.42 -16.16 -8.75
CA THR D 70 -12.06 -15.95 -10.06
C THR D 70 -12.67 -14.60 -10.09
N LEU D 71 -12.40 -13.85 -11.14
CA LEU D 71 -13.07 -12.58 -11.36
C LEU D 71 -14.24 -12.89 -12.25
N ILE D 72 -15.40 -12.46 -11.85
CA ILE D 72 -16.62 -12.72 -12.60
C ILE D 72 -17.19 -11.40 -13.04
N LEU D 73 -17.47 -11.31 -14.35
CA LEU D 73 -18.02 -10.12 -14.96
C LEU D 73 -19.39 -10.50 -15.57
N PRO D 74 -20.49 -10.32 -14.83
CA PRO D 74 -21.81 -10.67 -15.40
C PRO D 74 -22.21 -9.68 -16.51
N HIS D 75 -22.94 -10.15 -17.53
CA HIS D 75 -23.39 -9.32 -18.66
C HIS D 75 -22.26 -8.38 -19.19
N VAL D 76 -21.12 -8.96 -19.66
CA VAL D 76 -20.00 -8.14 -20.18
C VAL D 76 -20.42 -7.18 -21.26
N SER D 77 -19.79 -6.00 -21.27
CA SER D 77 -19.97 -4.96 -22.27
C SER D 77 -18.73 -4.97 -23.15
N LEU D 78 -18.82 -4.35 -24.34
CA LEU D 78 -17.68 -4.15 -25.22
C LEU D 78 -16.62 -3.32 -24.47
N ARG D 79 -17.05 -2.43 -23.56
CA ARG D 79 -16.15 -1.57 -22.76
C ARG D 79 -15.29 -2.36 -21.77
N ASP D 80 -15.62 -3.65 -21.52
CA ASP D 80 -14.89 -4.54 -20.61
C ASP D 80 -13.70 -5.26 -21.26
N ALA D 81 -13.60 -5.23 -22.60
CA ALA D 81 -12.45 -5.82 -23.30
C ALA D 81 -11.17 -5.09 -22.85
N ALA D 82 -10.19 -5.87 -22.38
CA ALA D 82 -8.95 -5.38 -21.80
C ALA D 82 -8.09 -6.54 -21.39
N VAL D 83 -6.86 -6.26 -20.98
CA VAL D 83 -6.00 -7.26 -20.35
C VAL D 83 -6.34 -7.17 -18.86
N TYR D 84 -6.68 -8.30 -18.22
CA TYR D 84 -6.99 -8.38 -16.78
C TYR D 84 -5.86 -9.00 -16.01
N HIS D 85 -5.35 -8.24 -15.05
CA HIS D 85 -4.19 -8.64 -14.24
C HIS D 85 -4.63 -8.97 -12.85
N CYS D 86 -4.34 -10.20 -12.42
CA CYS D 86 -4.56 -10.71 -11.08
C CYS D 86 -3.15 -10.61 -10.47
N ILE D 87 -3.02 -9.86 -9.36
CA ILE D 87 -1.73 -9.58 -8.72
C ILE D 87 -1.84 -9.74 -7.23
N LEU D 88 -0.79 -10.29 -6.60
CA LEU D 88 -0.79 -10.37 -5.14
C LEU D 88 -0.20 -9.08 -4.60
N SER D 89 -0.81 -8.53 -3.56
CA SER D 89 -0.39 -7.26 -3.00
C SER D 89 -0.33 -7.42 -1.50
N GLY D 90 0.90 -7.45 -0.96
CA GLY D 90 1.12 -7.56 0.47
C GLY D 90 0.39 -6.44 1.20
N GLY D 91 -0.36 -6.76 2.24
CA GLY D 91 -1.11 -5.74 3.00
C GLY D 91 -0.26 -4.57 3.53
N SER D 92 1.05 -4.79 3.66
CA SER D 92 1.99 -3.78 4.17
C SER D 92 2.82 -3.14 3.06
N ASN D 93 2.60 -3.58 1.82
CA ASN D 93 3.39 -3.23 0.63
C ASN D 93 2.69 -2.31 -0.32
N TYR D 94 3.41 -1.32 -0.88
CA TYR D 94 2.86 -0.45 -1.93
C TYR D 94 3.22 -0.95 -3.35
N LYS D 95 4.22 -1.81 -3.46
CA LYS D 95 4.64 -2.35 -4.76
C LYS D 95 3.72 -3.44 -5.26
N LEU D 96 3.60 -3.55 -6.58
CA LEU D 96 2.85 -4.58 -7.32
C LEU D 96 3.78 -5.04 -8.42
N THR D 97 3.67 -6.31 -8.81
CA THR D 97 4.43 -6.83 -9.95
C THR D 97 3.40 -7.28 -10.98
N PHE D 98 3.28 -6.54 -12.09
CA PHE D 98 2.33 -6.89 -13.16
C PHE D 98 2.89 -8.03 -13.95
N GLY D 99 2.07 -9.05 -14.14
CA GLY D 99 2.43 -10.21 -14.95
C GLY D 99 1.78 -10.10 -16.31
N LYS D 100 1.70 -11.24 -17.02
CA LYS D 100 1.12 -11.27 -18.38
C LYS D 100 -0.37 -10.88 -18.44
N GLY D 101 -1.14 -11.31 -17.42
CA GLY D 101 -2.57 -11.06 -17.40
C GLY D 101 -3.31 -11.91 -18.42
N THR D 102 -4.64 -11.74 -18.50
CA THR D 102 -5.50 -12.43 -19.46
C THR D 102 -6.07 -11.41 -20.40
N LEU D 103 -5.84 -11.59 -21.72
CA LEU D 103 -6.44 -10.71 -22.69
C LEU D 103 -7.88 -11.18 -22.88
N LEU D 104 -8.82 -10.34 -22.47
CA LEU D 104 -10.23 -10.65 -22.65
C LEU D 104 -10.71 -9.90 -23.89
N THR D 105 -11.25 -10.65 -24.87
CA THR D 105 -11.85 -10.14 -26.10
C THR D 105 -13.35 -10.28 -25.90
N VAL D 106 -14.12 -9.23 -26.22
CA VAL D 106 -15.58 -9.33 -26.17
C VAL D 106 -16.13 -8.88 -27.55
N THR D 107 -16.81 -9.81 -28.21
CA THR D 107 -17.37 -9.59 -29.57
C THR D 107 -18.80 -9.09 -29.47
N PRO D 108 -19.23 -8.19 -30.39
CA PRO D 108 -20.62 -7.73 -30.32
C PRO D 108 -21.56 -8.84 -30.78
N ASN D 109 -22.78 -8.81 -30.28
CA ASN D 109 -23.83 -9.73 -30.67
C ASN D 109 -24.56 -9.02 -31.84
N ILE D 110 -24.16 -9.33 -33.08
CA ILE D 110 -24.77 -8.67 -34.28
C ILE D 110 -26.14 -9.28 -34.49
N GLN D 111 -27.19 -8.48 -34.33
CA GLN D 111 -28.56 -8.98 -34.39
C GLN D 111 -29.04 -9.37 -35.78
N ASN D 112 -28.83 -8.47 -36.75
CA ASN D 112 -29.26 -8.67 -38.13
C ASN D 112 -28.07 -8.42 -39.08
N PRO D 113 -27.12 -9.37 -39.19
CA PRO D 113 -26.00 -9.18 -40.13
C PRO D 113 -26.44 -8.92 -41.57
N ASP D 114 -25.73 -8.04 -42.26
CA ASP D 114 -26.00 -7.75 -43.66
C ASP D 114 -24.64 -7.52 -44.32
N PRO D 115 -23.75 -8.54 -44.39
CA PRO D 115 -22.40 -8.32 -44.92
C PRO D 115 -22.38 -7.68 -46.29
N ALA D 116 -21.50 -6.69 -46.44
CA ALA D 116 -21.37 -5.95 -47.68
C ALA D 116 -20.02 -5.29 -47.81
N VAL D 117 -19.58 -5.05 -49.06
CA VAL D 117 -18.33 -4.33 -49.31
C VAL D 117 -18.73 -3.13 -50.17
N TYR D 118 -18.57 -1.92 -49.63
CA TYR D 118 -18.95 -0.69 -50.32
C TYR D 118 -17.72 0.07 -50.81
N GLN D 119 -17.85 0.87 -51.86
CA GLN D 119 -16.74 1.71 -52.32
C GLN D 119 -17.02 3.17 -51.91
N LEU D 120 -16.09 3.81 -51.16
CA LEU D 120 -16.22 5.18 -50.69
C LEU D 120 -15.26 6.09 -51.47
N ARG D 121 -15.74 7.29 -51.90
CA ARG D 121 -14.96 8.26 -52.68
C ARG D 121 -14.49 9.45 -51.81
N ASP D 122 -13.27 9.99 -52.06
CA ASP D 122 -12.72 11.15 -51.33
C ASP D 122 -13.63 12.37 -51.48
N SER D 123 -13.78 13.13 -50.37
CA SER D 123 -14.58 14.35 -50.29
C SER D 123 -14.12 15.39 -51.29
N LYS D 124 -12.78 15.58 -51.47
CA LYS D 124 -12.25 16.60 -52.39
C LYS D 124 -11.66 16.07 -53.72
N SER D 125 -11.12 14.82 -53.76
CA SER D 125 -10.59 14.27 -55.01
C SER D 125 -11.47 13.14 -55.55
N SER D 126 -11.70 13.12 -56.87
CA SER D 126 -12.56 12.12 -57.52
C SER D 126 -11.84 10.79 -57.84
N ASP D 127 -10.48 10.79 -57.77
CA ASP D 127 -9.63 9.61 -58.06
C ASP D 127 -9.34 8.71 -56.86
N LYS D 128 -9.34 9.26 -55.62
CA LYS D 128 -9.05 8.53 -54.38
C LYS D 128 -10.27 7.75 -53.87
N SER D 129 -10.05 6.48 -53.51
CA SER D 129 -11.11 5.60 -53.01
C SER D 129 -10.66 4.66 -51.90
N VAL D 130 -11.63 4.14 -51.15
CA VAL D 130 -11.47 3.21 -50.04
C VAL D 130 -12.60 2.17 -50.17
N CYS D 131 -12.36 0.92 -49.73
CA CYS D 131 -13.34 -0.17 -49.70
C CYS D 131 -13.71 -0.42 -48.23
N LEU D 132 -15.00 -0.49 -47.95
CA LEU D 132 -15.51 -0.72 -46.60
C LEU D 132 -16.25 -2.05 -46.51
N PHE D 133 -15.70 -2.99 -45.76
CA PHE D 133 -16.34 -4.29 -45.48
C PHE D 133 -17.11 -4.07 -44.18
N THR D 134 -18.42 -4.29 -44.17
CA THR D 134 -19.18 -3.97 -42.94
C THR D 134 -20.40 -4.87 -42.73
N ASP D 135 -20.95 -4.83 -41.52
CA ASP D 135 -22.23 -5.49 -41.17
C ASP D 135 -22.15 -7.02 -41.12
N PHE D 136 -20.92 -7.57 -41.14
CA PHE D 136 -20.67 -9.00 -40.99
C PHE D 136 -20.76 -9.41 -39.50
N ASP D 137 -21.08 -10.69 -39.27
CA ASP D 137 -21.18 -11.30 -37.95
C ASP D 137 -19.77 -11.37 -37.31
N SER D 138 -19.71 -11.36 -35.98
CA SER D 138 -18.45 -11.34 -35.22
C SER D 138 -17.52 -12.56 -35.42
N GLN D 139 -18.04 -13.64 -35.99
CA GLN D 139 -17.28 -14.83 -36.29
C GLN D 139 -16.20 -14.57 -37.36
N THR D 140 -16.46 -13.67 -38.32
CA THR D 140 -15.47 -13.44 -39.38
C THR D 140 -14.34 -12.52 -38.89
N ASN D 141 -13.12 -12.91 -39.24
CA ASN D 141 -11.88 -12.20 -38.94
C ASN D 141 -11.33 -11.69 -40.29
N VAL D 142 -10.63 -10.55 -40.28
CA VAL D 142 -10.19 -10.05 -41.56
C VAL D 142 -8.67 -10.11 -41.61
N SER D 143 -8.18 -10.83 -42.62
CA SER D 143 -6.76 -11.04 -42.88
C SER D 143 -6.19 -9.90 -43.69
N GLN D 144 -4.86 -9.74 -43.66
CA GLN D 144 -4.16 -8.75 -44.47
C GLN D 144 -4.17 -9.27 -45.92
N SER D 145 -3.89 -8.38 -46.87
CA SER D 145 -3.88 -8.72 -48.28
C SER D 145 -2.64 -9.57 -48.60
N LYS D 146 -2.74 -10.35 -49.69
CA LYS D 146 -1.63 -11.14 -50.24
C LYS D 146 -0.69 -10.17 -51.01
N ASP D 147 -1.19 -8.94 -51.35
CA ASP D 147 -0.45 -7.90 -52.05
C ASP D 147 0.04 -6.84 -51.06
N SER D 148 1.35 -6.53 -51.07
CA SER D 148 1.99 -5.55 -50.19
C SER D 148 1.63 -4.08 -50.49
N ASP D 149 1.09 -3.79 -51.70
CA ASP D 149 0.64 -2.44 -52.08
C ASP D 149 -0.83 -2.18 -51.64
N VAL D 150 -1.45 -3.19 -50.98
CA VAL D 150 -2.83 -3.12 -50.49
C VAL D 150 -2.84 -3.09 -48.96
N TYR D 151 -3.54 -2.08 -48.39
CA TYR D 151 -3.63 -1.87 -46.93
C TYR D 151 -4.97 -2.31 -46.43
N ILE D 152 -4.99 -3.22 -45.46
CA ILE D 152 -6.25 -3.73 -44.89
C ILE D 152 -6.17 -3.60 -43.39
N THR D 153 -7.16 -2.91 -42.80
CA THR D 153 -7.21 -2.73 -41.36
C THR D 153 -7.78 -3.99 -40.69
N ASP D 154 -7.63 -4.10 -39.38
CA ASP D 154 -8.25 -5.19 -38.64
C ASP D 154 -9.72 -4.77 -38.43
N LYS D 155 -10.60 -5.69 -38.07
CA LYS D 155 -12.00 -5.32 -37.84
C LYS D 155 -12.11 -4.43 -36.59
N CYS D 156 -13.10 -3.55 -36.61
CA CYS D 156 -13.38 -2.57 -35.58
C CYS D 156 -14.87 -2.60 -35.32
N VAL D 157 -15.29 -2.41 -34.07
CA VAL D 157 -16.72 -2.37 -33.73
C VAL D 157 -17.13 -0.96 -33.44
N LEU D 158 -18.19 -0.48 -34.10
CA LEU D 158 -18.74 0.82 -33.74
C LEU D 158 -20.10 0.60 -33.11
N ASP D 159 -20.45 1.42 -32.14
CA ASP D 159 -21.66 1.24 -31.37
C ASP D 159 -22.53 2.50 -31.45
N MET D 160 -23.70 2.39 -32.11
CA MET D 160 -24.67 3.48 -32.25
C MET D 160 -25.68 3.23 -31.12
N ARG D 161 -25.41 3.80 -29.93
CA ARG D 161 -26.25 3.57 -28.73
C ARG D 161 -27.69 4.09 -28.84
N SER D 162 -27.90 5.23 -29.54
CA SER D 162 -29.24 5.81 -29.77
C SER D 162 -30.20 4.72 -30.29
N MET D 163 -29.70 3.83 -31.14
CA MET D 163 -30.48 2.69 -31.60
C MET D 163 -29.92 1.46 -30.87
N ASP D 164 -30.44 0.27 -31.04
CA ASP D 164 -29.76 -0.76 -30.24
C ASP D 164 -28.82 -1.42 -31.25
N PHE D 165 -27.82 -0.63 -31.77
CA PHE D 165 -27.05 -1.10 -32.93
C PHE D 165 -25.53 -1.01 -32.87
N LYS D 166 -24.91 -2.12 -33.27
CA LYS D 166 -23.46 -2.29 -33.35
C LYS D 166 -23.14 -2.87 -34.71
N SER D 167 -21.97 -2.52 -35.26
CA SER D 167 -21.53 -3.11 -36.51
C SER D 167 -20.03 -3.23 -36.58
N ASN D 168 -19.58 -4.32 -37.21
CA ASN D 168 -18.18 -4.60 -37.46
C ASN D 168 -17.84 -4.02 -38.81
N SER D 169 -16.59 -3.56 -38.99
CA SER D 169 -16.09 -3.08 -40.27
C SER D 169 -14.61 -3.19 -40.35
N ALA D 170 -14.09 -3.25 -41.58
CA ALA D 170 -12.67 -3.21 -41.88
C ALA D 170 -12.57 -2.36 -43.14
N VAL D 171 -11.49 -1.63 -43.26
CA VAL D 171 -11.23 -0.76 -44.42
C VAL D 171 -10.06 -1.31 -45.23
N ALA D 172 -10.15 -1.24 -46.55
CA ALA D 172 -9.07 -1.60 -47.46
C ALA D 172 -8.86 -0.45 -48.48
N TRP D 173 -7.62 -0.19 -48.84
CA TRP D 173 -7.34 0.84 -49.86
C TRP D 173 -6.03 0.53 -50.57
N SER D 174 -5.81 1.11 -51.76
CA SER D 174 -4.57 0.89 -52.53
C SER D 174 -4.40 1.94 -53.61
N ASN D 175 -3.19 1.97 -54.22
CA ASN D 175 -2.84 2.84 -55.34
C ASN D 175 -2.86 2.07 -56.66
N LYS D 176 -2.56 0.75 -56.64
CA LYS D 176 -2.54 -0.09 -57.85
C LYS D 176 -3.91 -0.13 -58.57
N SER D 177 -3.88 0.01 -59.92
CA SER D 177 -5.08 0.04 -60.79
C SER D 177 -5.81 -1.31 -60.87
N ASP D 178 -5.12 -2.40 -60.49
CA ASP D 178 -5.64 -3.77 -60.48
C ASP D 178 -6.55 -4.01 -59.24
N PHE D 179 -6.54 -3.07 -58.28
CA PHE D 179 -7.32 -3.16 -57.05
C PHE D 179 -8.76 -2.73 -57.22
N ALA D 180 -9.66 -3.52 -56.65
CA ALA D 180 -11.09 -3.25 -56.69
C ALA D 180 -11.75 -3.84 -55.44
N CYS D 181 -12.89 -3.28 -55.02
CA CYS D 181 -13.63 -3.72 -53.85
C CYS D 181 -14.09 -5.20 -53.93
N ALA D 182 -14.26 -5.73 -55.17
CA ALA D 182 -14.64 -7.12 -55.42
C ALA D 182 -13.51 -8.08 -55.06
N ASN D 183 -12.26 -7.66 -55.23
CA ASN D 183 -11.10 -8.50 -54.89
C ASN D 183 -10.40 -8.12 -53.56
N ALA D 184 -10.74 -6.95 -52.99
CA ALA D 184 -10.12 -6.38 -51.79
C ALA D 184 -9.96 -7.35 -50.63
N PHE D 185 -11.04 -8.05 -50.25
CA PHE D 185 -11.05 -8.95 -49.10
C PHE D 185 -10.98 -10.44 -49.48
N ASN D 186 -10.34 -10.76 -50.64
CA ASN D 186 -10.18 -12.12 -51.17
C ASN D 186 -9.40 -13.04 -50.24
N ASN D 187 -8.44 -12.48 -49.46
CA ASN D 187 -7.67 -13.28 -48.52
C ASN D 187 -8.41 -13.55 -47.18
N SER D 188 -9.62 -13.02 -47.00
CA SER D 188 -10.39 -13.28 -45.77
C SER D 188 -11.49 -14.28 -46.05
N ILE D 189 -11.98 -14.93 -45.00
CA ILE D 189 -13.07 -15.91 -45.02
C ILE D 189 -14.37 -15.12 -44.77
N ILE D 190 -14.93 -14.59 -45.84
CA ILE D 190 -16.11 -13.73 -45.76
C ILE D 190 -17.40 -14.51 -46.09
N PRO D 191 -18.58 -14.07 -45.60
CA PRO D 191 -19.82 -14.82 -45.90
C PRO D 191 -20.05 -14.95 -47.40
N GLU D 192 -20.66 -16.06 -47.82
CA GLU D 192 -20.95 -16.28 -49.25
C GLU D 192 -21.99 -15.30 -49.81
N ASP D 193 -22.87 -14.81 -48.94
CA ASP D 193 -23.93 -13.86 -49.34
C ASP D 193 -23.47 -12.40 -49.18
N THR D 194 -22.14 -12.14 -49.08
CA THR D 194 -21.63 -10.75 -48.98
C THR D 194 -22.14 -9.93 -50.18
N PHE D 195 -22.75 -8.76 -49.89
CA PHE D 195 -23.32 -7.86 -50.90
C PHE D 195 -22.24 -7.02 -51.57
N PHE D 196 -22.12 -7.12 -52.91
CA PHE D 196 -21.14 -6.35 -53.68
C PHE D 196 -21.90 -5.48 -54.68
N PRO D 197 -22.32 -4.24 -54.30
CA PRO D 197 -23.08 -3.39 -55.25
C PRO D 197 -22.42 -3.31 -56.63
N SER D 198 -23.20 -3.62 -57.69
CA SER D 198 -22.79 -3.71 -59.10
C SER D 198 -22.43 -2.38 -59.77
N PRO D 199 -21.13 -2.06 -60.00
CA PRO D 199 -20.80 -0.81 -60.70
C PRO D 199 -20.78 -0.97 -62.22
N ASP E 1 -12.75 12.89 -8.71
CA ASP E 1 -11.96 13.18 -7.51
C ASP E 1 -10.60 12.45 -7.55
N MET E 2 -10.58 11.11 -7.71
CA MET E 2 -9.31 10.39 -7.78
C MET E 2 -8.77 10.55 -9.20
N LYS E 3 -7.86 11.52 -9.40
CA LYS E 3 -7.33 11.81 -10.73
C LYS E 3 -5.80 12.03 -10.73
N VAL E 4 -5.09 11.30 -11.58
CA VAL E 4 -3.64 11.49 -11.73
C VAL E 4 -3.45 12.11 -13.13
N THR E 5 -2.70 13.22 -13.23
CA THR E 5 -2.46 13.90 -14.49
C THR E 5 -1.05 13.72 -15.00
N GLN E 6 -0.90 13.66 -16.32
CA GLN E 6 0.37 13.56 -17.03
C GLN E 6 0.26 14.36 -18.31
N MET E 7 1.19 15.23 -18.57
CA MET E 7 1.23 15.98 -19.83
C MET E 7 2.70 16.08 -20.27
N PRO E 8 3.02 15.94 -21.59
CA PRO E 8 2.09 15.72 -22.72
C PRO E 8 1.75 14.24 -22.81
N ARG E 9 0.83 13.90 -23.70
CA ARG E 9 0.42 12.55 -24.00
C ARG E 9 1.52 11.87 -24.85
N TYR E 10 2.26 12.66 -25.67
CA TYR E 10 3.29 12.20 -26.59
C TYR E 10 4.46 13.19 -26.59
N LEU E 11 5.68 12.69 -26.77
CA LEU E 11 6.84 13.58 -26.80
C LEU E 11 7.92 13.01 -27.71
N ILE E 12 8.50 13.84 -28.59
CA ILE E 12 9.62 13.44 -29.42
C ILE E 12 10.85 14.12 -28.82
N LYS E 13 11.92 13.36 -28.64
CA LYS E 13 13.18 13.91 -28.14
C LYS E 13 14.32 13.41 -28.98
N ARG E 14 15.37 14.23 -29.18
CA ARG E 14 16.55 13.74 -29.90
C ARG E 14 17.40 12.95 -28.91
N MET E 15 18.13 11.95 -29.42
CA MET E 15 19.06 11.13 -28.64
C MET E 15 20.08 12.06 -27.95
N GLY E 16 20.27 11.84 -26.66
CA GLY E 16 21.24 12.58 -25.85
C GLY E 16 20.73 13.84 -25.17
N GLU E 17 19.46 14.22 -25.44
CA GLU E 17 18.87 15.41 -24.83
C GLU E 17 18.28 14.99 -23.50
N ASN E 18 18.07 15.95 -22.59
CA ASN E 18 17.46 15.63 -21.31
C ASN E 18 15.96 15.61 -21.49
N VAL E 19 15.25 14.90 -20.58
CA VAL E 19 13.79 14.80 -20.64
C VAL E 19 13.25 14.96 -19.21
N LEU E 20 12.11 15.66 -19.07
CA LEU E 20 11.45 15.81 -17.79
C LEU E 20 9.99 15.44 -17.96
N LEU E 21 9.57 14.33 -17.33
CA LEU E 21 8.18 13.90 -17.36
C LEU E 21 7.56 14.25 -16.05
N GLU E 22 6.39 14.87 -16.10
CA GLU E 22 5.72 15.33 -14.87
C GLU E 22 4.45 14.59 -14.63
N CYS E 23 4.13 14.48 -13.36
CA CYS E 23 2.95 13.80 -12.88
C CYS E 23 2.39 14.60 -11.74
N GLY E 24 1.08 14.71 -11.68
CA GLY E 24 0.47 15.43 -10.58
C GLY E 24 -0.73 14.71 -9.99
N GLN E 25 -0.99 14.95 -8.70
CA GLN E 25 -2.19 14.46 -8.02
C GLN E 25 -2.58 15.41 -6.90
N ASP E 26 -3.74 16.02 -7.00
CA ASP E 26 -4.10 17.01 -5.97
C ASP E 26 -4.69 16.38 -4.72
N MET E 27 -4.83 15.05 -4.67
CA MET E 27 -5.34 14.44 -3.46
C MET E 27 -4.26 14.28 -2.36
N SER E 28 -3.00 14.71 -2.61
CA SER E 28 -1.87 14.69 -1.65
C SER E 28 -1.57 13.28 -1.06
N HIS E 29 -1.79 12.22 -1.85
CA HIS E 29 -1.43 10.84 -1.50
C HIS E 29 0.07 10.83 -1.20
N GLU E 30 0.48 10.00 -0.26
CA GLU E 30 1.89 9.94 0.11
C GLU E 30 2.72 9.19 -0.94
N THR E 31 2.13 8.17 -1.58
CA THR E 31 2.88 7.28 -2.46
C THR E 31 2.66 7.60 -3.92
N MET E 32 3.75 7.68 -4.69
CA MET E 32 3.68 7.90 -6.13
C MET E 32 4.66 6.95 -6.80
N TYR E 33 4.40 6.65 -8.07
CA TYR E 33 5.16 5.65 -8.80
C TYR E 33 5.44 6.12 -10.21
N TRP E 34 6.54 5.62 -10.82
CA TRP E 34 6.82 5.77 -12.24
C TRP E 34 7.05 4.40 -12.82
N TYR E 35 6.30 4.08 -13.87
CA TYR E 35 6.43 2.81 -14.57
C TYR E 35 6.67 3.09 -16.05
N ARG E 36 7.20 2.12 -16.76
CA ARG E 36 7.27 2.18 -18.22
C ARG E 36 6.68 0.88 -18.76
N GLN E 37 6.21 0.94 -19.98
CA GLN E 37 5.63 -0.23 -20.63
C GLN E 37 5.98 -0.21 -22.11
N ASP E 38 6.78 -1.20 -22.51
CA ASP E 38 7.17 -1.41 -23.91
C ASP E 38 6.05 -2.28 -24.55
N PRO E 39 5.75 -2.15 -25.87
CA PRO E 39 4.67 -2.97 -26.46
C PRO E 39 4.91 -4.45 -26.30
N GLY E 40 3.85 -5.18 -25.98
CA GLY E 40 3.90 -6.63 -25.80
C GLY E 40 4.43 -7.07 -24.46
N LEU E 41 4.99 -6.11 -23.70
CA LEU E 41 5.52 -6.36 -22.38
C LEU E 41 4.66 -5.67 -21.30
N GLY E 42 4.92 -5.99 -20.06
CA GLY E 42 4.13 -5.50 -18.95
C GLY E 42 4.65 -4.20 -18.37
N LEU E 43 3.88 -3.63 -17.43
CA LEU E 43 4.28 -2.41 -16.73
C LEU E 43 5.41 -2.81 -15.82
N GLN E 44 6.49 -2.02 -15.84
CA GLN E 44 7.66 -2.31 -15.02
C GLN E 44 7.92 -1.08 -14.17
N LEU E 45 8.11 -1.26 -12.88
CA LEU E 45 8.38 -0.12 -11.99
C LEU E 45 9.78 0.43 -12.14
N ILE E 46 9.89 1.75 -12.39
CA ILE E 46 11.18 2.43 -12.46
C ILE E 46 11.61 2.87 -11.05
N TYR E 47 10.73 3.62 -10.37
CA TYR E 47 10.96 4.16 -9.04
C TYR E 47 9.63 4.27 -8.35
N ILE E 48 9.68 4.20 -7.02
CA ILE E 48 8.56 4.46 -6.14
C ILE E 48 8.99 5.58 -5.21
N SER E 49 8.03 6.44 -4.84
CA SER E 49 8.28 7.50 -3.89
C SER E 49 7.33 7.29 -2.74
N TYR E 50 7.86 6.98 -1.56
CA TYR E 50 7.05 6.79 -0.36
C TYR E 50 6.60 8.09 0.28
N ASP E 51 7.30 9.18 -0.03
CA ASP E 51 7.01 10.51 0.51
C ASP E 51 8.03 11.46 -0.11
N VAL E 52 7.92 12.75 0.22
CA VAL E 52 8.87 13.79 -0.18
C VAL E 52 10.29 13.30 0.16
N ASP E 53 11.20 13.34 -0.83
CA ASP E 53 12.60 12.93 -0.68
C ASP E 53 12.78 11.51 -0.08
N SER E 54 11.84 10.59 -0.37
CA SER E 54 11.95 9.21 0.14
C SER E 54 11.68 8.30 -1.04
N ASN E 55 12.66 8.27 -1.94
CA ASN E 55 12.52 7.53 -3.19
C ASN E 55 13.30 6.21 -3.21
N SER E 56 12.70 5.15 -3.75
CA SER E 56 13.41 3.86 -3.83
C SER E 56 13.39 3.37 -5.26
N GLU E 57 14.50 2.78 -5.70
CA GLU E 57 14.59 2.21 -7.04
C GLU E 57 13.59 1.05 -7.18
N GLY E 58 12.97 0.95 -8.34
CA GLY E 58 12.06 -0.14 -8.65
C GLY E 58 12.85 -1.27 -9.29
N ASP E 59 12.24 -1.96 -10.24
CA ASP E 59 12.87 -3.07 -10.94
C ASP E 59 13.84 -2.60 -12.03
N ILE E 60 13.53 -1.48 -12.71
CA ILE E 60 14.38 -1.01 -13.84
C ILE E 60 14.76 0.50 -13.70
N PRO E 61 15.50 0.86 -12.62
CA PRO E 61 15.85 2.28 -12.41
C PRO E 61 16.95 2.85 -13.31
N LYS E 62 17.77 1.99 -13.97
CA LYS E 62 18.90 2.52 -14.77
C LYS E 62 18.49 3.48 -15.90
N GLY E 63 19.13 4.64 -15.95
CA GLY E 63 18.88 5.64 -16.99
C GLY E 63 17.86 6.68 -16.57
N TYR E 64 17.38 6.58 -15.31
CA TYR E 64 16.35 7.47 -14.78
C TYR E 64 16.73 7.95 -13.40
N ARG E 65 16.19 9.10 -13.02
CA ARG E 65 16.24 9.62 -11.67
C ARG E 65 14.93 10.36 -11.45
N VAL E 66 14.57 10.57 -10.21
CA VAL E 66 13.29 11.16 -9.89
C VAL E 66 13.43 12.33 -8.93
N SER E 67 12.37 13.14 -8.84
CA SER E 67 12.30 14.27 -7.93
C SER E 67 10.91 14.30 -7.30
N ARG E 68 10.85 14.38 -5.96
CA ARG E 68 9.62 14.45 -5.17
C ARG E 68 9.89 15.46 -4.05
N LYS E 69 9.65 16.74 -4.33
CA LYS E 69 9.88 17.83 -3.37
C LYS E 69 8.59 18.25 -2.66
N LYS E 70 7.42 17.89 -3.25
CA LYS E 70 6.07 18.10 -2.72
C LYS E 70 5.29 16.80 -2.97
N ARG E 71 4.29 16.48 -2.13
N ARG E 71 4.30 16.49 -2.13
CA ARG E 71 3.53 15.24 -2.33
CA ARG E 71 3.50 15.27 -2.31
C ARG E 71 2.65 15.26 -3.58
C ARG E 71 2.64 15.27 -3.58
N GLU E 72 2.22 16.46 -4.05
CA GLU E 72 1.33 16.58 -5.21
C GLU E 72 1.98 16.27 -6.55
N HIS E 73 3.32 16.21 -6.63
CA HIS E 73 3.99 15.96 -7.91
C HIS E 73 5.10 14.93 -7.79
N PHE E 74 5.45 14.27 -8.93
CA PHE E 74 6.52 13.31 -8.94
C PHE E 74 7.13 13.32 -10.32
N SER E 75 8.39 13.75 -10.42
CA SER E 75 9.05 13.89 -11.72
C SER E 75 10.00 12.79 -12.06
N LEU E 76 10.04 12.43 -13.36
CA LEU E 76 10.95 11.42 -13.89
C LEU E 76 11.90 12.18 -14.82
N ILE E 77 13.19 12.00 -14.59
CA ILE E 77 14.23 12.72 -15.32
C ILE E 77 15.11 11.73 -16.07
N LEU E 78 15.33 11.99 -17.36
CA LEU E 78 16.24 11.22 -18.22
C LEU E 78 17.32 12.23 -18.54
N ASP E 79 18.50 12.07 -17.96
CA ASP E 79 19.59 13.05 -18.17
C ASP E 79 20.12 13.08 -19.59
N SER E 80 20.11 11.94 -20.28
CA SER E 80 20.63 11.82 -21.65
C SER E 80 19.83 10.73 -22.37
N ALA E 81 18.78 11.13 -23.09
CA ALA E 81 17.86 10.19 -23.74
C ALA E 81 18.54 9.13 -24.61
N LYS E 82 18.16 7.84 -24.45
CA LYS E 82 18.68 6.75 -25.28
C LYS E 82 17.53 6.31 -26.17
N THR E 83 17.81 5.92 -27.41
CA THR E 83 16.74 5.42 -28.31
C THR E 83 15.96 4.27 -27.65
N ASN E 84 16.63 3.41 -26.85
CA ASN E 84 15.94 2.28 -26.19
C ASN E 84 15.04 2.72 -25.00
N GLN E 85 14.96 4.05 -24.70
CA GLN E 85 14.04 4.61 -23.70
C GLN E 85 12.70 5.01 -24.38
N THR E 86 12.59 4.75 -25.70
CA THR E 86 11.32 4.91 -26.44
C THR E 86 10.35 3.92 -25.76
N SER E 87 9.26 4.43 -25.15
CA SER E 87 8.31 3.61 -24.40
C SER E 87 7.11 4.46 -23.99
N VAL E 88 6.19 3.86 -23.23
CA VAL E 88 5.05 4.62 -22.70
C VAL E 88 5.30 4.65 -21.20
N TYR E 89 5.27 5.82 -20.61
CA TYR E 89 5.54 5.98 -19.18
C TYR E 89 4.26 6.30 -18.49
N PHE E 90 3.95 5.56 -17.42
CA PHE E 90 2.76 5.79 -16.60
C PHE E 90 3.15 6.14 -15.19
N CYS E 91 2.51 7.16 -14.65
CA CYS E 91 2.73 7.53 -13.26
CA CYS E 91 2.76 7.45 -13.25
C CYS E 91 1.52 7.01 -12.47
N ALA E 92 1.66 6.78 -11.18
CA ALA E 92 0.53 6.33 -10.38
C ALA E 92 0.63 6.92 -8.97
N SER E 93 -0.47 6.88 -8.20
CA SER E 93 -0.43 7.29 -6.80
C SER E 93 -1.26 6.33 -6.02
N SER E 94 -1.11 6.33 -4.71
CA SER E 94 -1.94 5.49 -3.84
C SER E 94 -1.99 6.11 -2.45
N PHE E 95 -3.10 5.88 -1.73
CA PHE E 95 -3.31 6.31 -0.35
CA PHE E 95 -3.22 6.30 -0.34
C PHE E 95 -3.27 5.05 0.56
N GLY E 96 -3.09 3.88 -0.04
CA GLY E 96 -3.08 2.63 0.72
C GLY E 96 -4.13 1.62 0.31
N ARG E 97 -5.02 2.01 -0.61
CA ARG E 97 -6.00 1.08 -1.13
C ARG E 97 -5.44 0.63 -2.49
N GLU E 98 -6.03 1.03 -3.62
CA GLU E 98 -5.50 0.68 -4.93
C GLU E 98 -4.55 1.77 -5.42
N GLN E 99 -3.93 1.53 -6.56
CA GLN E 99 -3.13 2.54 -7.24
C GLN E 99 -4.01 3.19 -8.30
N TYR E 100 -3.88 4.50 -8.48
CA TYR E 100 -4.59 5.30 -9.49
C TYR E 100 -3.55 5.67 -10.52
N PHE E 101 -3.79 5.36 -11.79
CA PHE E 101 -2.83 5.64 -12.84
C PHE E 101 -3.15 6.86 -13.66
N GLY E 102 -2.09 7.52 -14.11
CA GLY E 102 -2.21 8.63 -15.06
C GLY E 102 -2.47 8.09 -16.46
N PRO E 103 -2.77 8.99 -17.43
CA PRO E 103 -3.06 8.53 -18.80
C PRO E 103 -1.86 8.13 -19.64
N GLY E 104 -0.65 8.34 -19.10
CA GLY E 104 0.60 8.00 -19.75
C GLY E 104 1.16 9.03 -20.70
N THR E 105 2.48 8.93 -20.95
CA THR E 105 3.21 9.76 -21.91
C THR E 105 3.96 8.81 -22.81
N ARG E 106 3.70 8.90 -24.12
CA ARG E 106 4.40 8.11 -25.11
C ARG E 106 5.66 8.93 -25.51
N LEU E 107 6.85 8.42 -25.15
CA LEU E 107 8.12 9.06 -25.48
C LEU E 107 8.76 8.31 -26.64
N THR E 108 9.17 9.03 -27.70
CA THR E 108 9.90 8.44 -28.82
C THR E 108 11.21 9.18 -28.89
N VAL E 109 12.34 8.46 -28.73
CA VAL E 109 13.69 9.02 -28.75
C VAL E 109 14.29 8.67 -30.09
N LEU E 110 14.69 9.68 -30.87
CA LEU E 110 15.22 9.46 -32.20
C LEU E 110 16.64 9.97 -32.37
N GLU E 111 17.46 9.29 -33.19
CA GLU E 111 18.83 9.71 -33.50
C GLU E 111 18.80 11.11 -34.15
N ASP E 112 17.86 11.31 -35.08
CA ASP E 112 17.64 12.58 -35.76
C ASP E 112 16.14 12.73 -36.05
N LEU E 113 15.73 13.91 -36.52
CA LEU E 113 14.30 14.17 -36.78
C LEU E 113 13.94 14.19 -38.27
N LYS E 114 14.85 13.71 -39.15
CA LYS E 114 14.66 13.68 -40.61
C LYS E 114 13.47 12.81 -41.06
N ASN E 115 13.07 11.80 -40.28
CA ASN E 115 11.96 10.93 -40.69
C ASN E 115 10.61 11.36 -40.07
N VAL E 116 10.56 12.51 -39.36
CA VAL E 116 9.35 13.01 -38.69
C VAL E 116 8.42 13.70 -39.69
N PHE E 117 7.21 13.17 -39.82
CA PHE E 117 6.21 13.67 -40.73
C PHE E 117 4.85 13.80 -40.07
N PRO E 118 4.13 14.89 -40.37
CA PRO E 118 2.76 15.02 -39.90
C PRO E 118 1.80 14.19 -40.79
N PRO E 119 0.57 13.90 -40.32
CA PRO E 119 -0.34 13.16 -41.19
C PRO E 119 -0.96 14.05 -42.25
N GLU E 120 -1.40 13.43 -43.34
CA GLU E 120 -2.28 14.03 -44.31
C GLU E 120 -3.63 13.36 -43.95
N VAL E 121 -4.72 14.13 -43.92
CA VAL E 121 -6.05 13.67 -43.48
C VAL E 121 -7.06 13.79 -44.61
N ALA E 122 -7.81 12.72 -44.89
CA ALA E 122 -8.86 12.72 -45.93
C ALA E 122 -10.13 12.08 -45.41
N VAL E 123 -11.29 12.64 -45.81
CA VAL E 123 -12.59 12.07 -45.47
C VAL E 123 -13.18 11.46 -46.73
N PHE E 124 -13.63 10.21 -46.64
CA PHE E 124 -14.25 9.43 -47.71
C PHE E 124 -15.75 9.40 -47.38
N GLU E 125 -16.54 9.90 -48.32
CA GLU E 125 -17.98 10.04 -48.11
C GLU E 125 -18.75 8.74 -48.24
N PRO E 126 -19.93 8.64 -47.57
CA PRO E 126 -20.74 7.41 -47.66
C PRO E 126 -21.15 7.06 -49.08
N SER E 127 -21.14 5.78 -49.37
CA SER E 127 -21.57 5.31 -50.68
C SER E 127 -23.10 5.30 -50.74
N GLU E 128 -23.65 5.66 -51.90
CA GLU E 128 -25.08 5.66 -52.16
C GLU E 128 -25.65 4.21 -52.00
N ALA E 129 -24.83 3.19 -52.32
CA ALA E 129 -25.21 1.78 -52.21
C ALA E 129 -25.47 1.40 -50.76
N GLU E 130 -24.64 1.88 -49.81
CA GLU E 130 -24.84 1.65 -48.39
C GLU E 130 -26.12 2.34 -47.91
N ILE E 131 -26.32 3.60 -48.31
CA ILE E 131 -27.51 4.40 -47.97
C ILE E 131 -28.79 3.68 -48.42
N SER E 132 -28.83 3.21 -49.67
CA SER E 132 -30.02 2.51 -50.15
C SER E 132 -30.23 1.13 -49.55
N HIS E 133 -29.13 0.38 -49.33
CA HIS E 133 -29.18 -0.98 -48.78
C HIS E 133 -29.46 -1.05 -47.30
N THR E 134 -28.89 -0.12 -46.49
CA THR E 134 -29.00 -0.16 -45.02
C THR E 134 -29.72 1.02 -44.36
N GLN E 135 -29.92 2.14 -45.08
CA GLN E 135 -30.52 3.37 -44.53
C GLN E 135 -29.54 3.99 -43.48
N LYS E 136 -28.23 3.62 -43.56
CA LYS E 136 -27.14 4.11 -42.71
C LYS E 136 -26.07 4.66 -43.63
N ALA E 137 -25.20 5.51 -43.09
CA ALA E 137 -24.17 6.17 -43.87
C ALA E 137 -22.87 6.16 -43.09
N THR E 138 -21.85 5.57 -43.68
CA THR E 138 -20.54 5.50 -43.03
C THR E 138 -19.54 6.44 -43.68
N LEU E 139 -18.89 7.28 -42.86
CA LEU E 139 -17.83 8.18 -43.32
C LEU E 139 -16.53 7.51 -42.90
N VAL E 140 -15.52 7.56 -43.75
CA VAL E 140 -14.23 7.00 -43.36
C VAL E 140 -13.23 8.14 -43.34
N CYS E 141 -12.41 8.19 -42.29
CA CYS E 141 -11.31 9.16 -42.20
C CYS E 141 -10.00 8.39 -42.28
N LEU E 142 -9.08 8.80 -43.18
CA LEU E 142 -7.75 8.18 -43.25
C LEU E 142 -6.75 9.26 -42.90
N ALA E 143 -5.86 8.94 -41.97
CA ALA E 143 -4.73 9.79 -41.57
C ALA E 143 -3.51 8.99 -42.06
N THR E 144 -2.76 9.56 -43.04
CA THR E 144 -1.66 8.84 -43.71
C THR E 144 -0.30 9.57 -43.70
N GLY E 145 0.76 8.81 -43.92
CA GLY E 145 2.12 9.33 -44.02
C GLY E 145 2.73 9.94 -42.79
N PHE E 146 2.28 9.54 -41.57
CA PHE E 146 2.84 10.17 -40.36
C PHE E 146 3.88 9.32 -39.68
N TYR E 147 4.82 10.00 -39.03
CA TYR E 147 5.86 9.35 -38.25
C TYR E 147 6.40 10.36 -37.22
N PRO E 148 6.60 9.99 -35.93
CA PRO E 148 6.31 8.69 -35.30
C PRO E 148 4.81 8.50 -35.06
N ASP E 149 4.42 7.41 -34.41
CA ASP E 149 3.01 7.14 -34.14
C ASP E 149 2.49 7.99 -32.97
N HIS E 150 2.31 9.29 -33.23
CA HIS E 150 1.92 10.27 -32.24
C HIS E 150 0.72 11.05 -32.72
N VAL E 151 -0.45 10.39 -32.80
CA VAL E 151 -1.70 11.00 -33.31
C VAL E 151 -2.85 10.78 -32.38
N GLU E 152 -3.81 11.70 -32.37
CA GLU E 152 -5.08 11.53 -31.66
C GLU E 152 -6.15 11.95 -32.65
N LEU E 153 -6.94 11.00 -33.15
CA LEU E 153 -7.99 11.27 -34.12
C LEU E 153 -9.33 11.44 -33.39
N SER E 154 -10.13 12.44 -33.76
CA SER E 154 -11.45 12.61 -33.17
C SER E 154 -12.44 13.06 -34.23
N TRP E 155 -13.71 12.77 -33.99
CA TRP E 155 -14.77 13.17 -34.88
C TRP E 155 -15.57 14.24 -34.21
N TRP E 156 -16.01 15.24 -35.00
CA TRP E 156 -16.77 16.40 -34.54
C TRP E 156 -17.96 16.57 -35.44
N VAL E 157 -19.15 16.50 -34.84
CA VAL E 157 -20.40 16.67 -35.58
C VAL E 157 -21.09 17.94 -35.07
N ASN E 158 -21.24 18.93 -35.96
CA ASN E 158 -21.81 20.25 -35.69
C ASN E 158 -21.08 20.94 -34.53
N GLY E 159 -19.75 20.81 -34.55
CA GLY E 159 -18.86 21.40 -33.55
C GLY E 159 -18.81 20.70 -32.22
N LYS E 160 -19.37 19.49 -32.13
CA LYS E 160 -19.36 18.73 -30.90
C LYS E 160 -18.62 17.42 -31.09
N GLU E 161 -17.65 17.15 -30.22
CA GLU E 161 -16.90 15.90 -30.28
C GLU E 161 -17.83 14.70 -30.02
N VAL E 162 -17.76 13.69 -30.89
CA VAL E 162 -18.62 12.52 -30.78
C VAL E 162 -17.83 11.24 -30.59
N HIS E 163 -18.41 10.30 -29.82
CA HIS E 163 -17.81 8.98 -29.55
C HIS E 163 -18.80 7.90 -30.02
N SER E 164 -20.08 8.24 -30.04
CA SER E 164 -21.12 7.32 -30.50
C SER E 164 -21.02 7.13 -32.01
N GLY E 165 -21.13 5.88 -32.44
CA GLY E 165 -21.09 5.50 -33.85
C GLY E 165 -19.71 5.64 -34.45
N VAL E 166 -18.70 5.67 -33.61
CA VAL E 166 -17.30 5.81 -34.03
C VAL E 166 -16.42 4.63 -33.62
N CYS E 167 -15.49 4.30 -34.52
CA CYS E 167 -14.44 3.34 -34.22
CA CYS E 167 -14.46 3.32 -34.21
C CYS E 167 -13.16 3.68 -34.91
N THR E 168 -12.09 3.81 -34.14
CA THR E 168 -10.79 4.15 -34.67
C THR E 168 -9.95 2.90 -34.55
N ASP E 169 -9.15 2.62 -35.58
CA ASP E 169 -8.24 1.48 -35.59
C ASP E 169 -7.40 1.50 -34.30
N PRO E 170 -7.41 0.41 -33.50
CA PRO E 170 -6.61 0.39 -32.27
C PRO E 170 -5.12 0.54 -32.52
N GLN E 171 -4.66 0.10 -33.71
CA GLN E 171 -3.26 0.17 -34.10
C GLN E 171 -3.13 0.65 -35.55
N PRO E 172 -2.12 1.47 -35.87
CA PRO E 172 -1.95 1.92 -37.26
C PRO E 172 -1.29 0.88 -38.14
N LEU E 173 -1.39 1.03 -39.47
CA LEU E 173 -0.72 0.12 -40.43
C LEU E 173 0.56 0.79 -40.88
N LYS E 174 1.56 0.00 -41.27
CA LYS E 174 2.79 0.54 -41.82
C LYS E 174 2.62 0.70 -43.33
N GLU E 175 2.92 1.90 -43.85
CA GLU E 175 2.85 2.23 -45.27
C GLU E 175 3.85 1.44 -46.09
N GLN E 176 4.92 0.98 -45.45
CA GLN E 176 5.95 0.15 -46.04
C GLN E 176 6.27 -0.89 -44.99
N PRO E 177 5.49 -2.02 -44.95
CA PRO E 177 5.64 -3.00 -43.87
C PRO E 177 7.05 -3.51 -43.57
N ALA E 178 7.91 -3.59 -44.59
CA ALA E 178 9.28 -4.07 -44.45
C ALA E 178 10.25 -3.10 -43.73
N LEU E 179 9.83 -1.84 -43.45
CA LEU E 179 10.73 -0.88 -42.78
C LEU E 179 10.41 -0.64 -41.31
N ASN E 180 11.46 -0.56 -40.47
CA ASN E 180 11.35 -0.25 -39.04
C ASN E 180 10.96 1.22 -38.86
N ASP E 181 11.37 2.11 -39.81
CA ASP E 181 11.08 3.55 -39.78
C ASP E 181 9.96 3.96 -40.77
N SER E 182 9.08 2.99 -41.10
CA SER E 182 7.94 3.17 -42.00
C SER E 182 6.96 4.20 -41.44
N ARG E 183 6.40 5.04 -42.33
CA ARG E 183 5.34 5.98 -41.95
C ARG E 183 4.06 5.18 -41.73
N TYR E 184 3.10 5.76 -41.01
CA TYR E 184 1.88 5.07 -40.61
C TYR E 184 0.64 5.60 -41.27
N ALA E 185 -0.39 4.77 -41.27
CA ALA E 185 -1.73 5.10 -41.72
C ALA E 185 -2.70 4.60 -40.65
N LEU E 186 -3.69 5.42 -40.33
CA LEU E 186 -4.72 5.09 -39.35
C LEU E 186 -6.07 5.45 -39.96
N SER E 187 -7.07 4.59 -39.76
CA SER E 187 -8.42 4.89 -40.27
C SER E 187 -9.40 4.91 -39.12
N SER E 188 -10.56 5.58 -39.33
CA SER E 188 -11.60 5.63 -38.34
C SER E 188 -12.89 5.72 -39.08
N ARG E 189 -13.95 5.22 -38.46
CA ARG E 189 -15.27 5.28 -39.04
C ARG E 189 -16.18 6.08 -38.17
N LEU E 190 -17.14 6.75 -38.81
CA LEU E 190 -18.24 7.45 -38.15
C LEU E 190 -19.46 7.04 -38.93
N ARG E 191 -20.41 6.42 -38.24
CA ARG E 191 -21.63 5.99 -38.89
C ARG E 191 -22.84 6.71 -38.32
N VAL E 192 -23.69 7.21 -39.21
CA VAL E 192 -24.90 7.93 -38.86
C VAL E 192 -26.06 7.35 -39.69
N SER E 193 -27.29 7.76 -39.40
CA SER E 193 -28.44 7.34 -40.20
C SER E 193 -28.34 8.09 -41.57
N ALA E 194 -28.94 7.51 -42.62
CA ALA E 194 -28.99 8.09 -43.96
C ALA E 194 -29.70 9.45 -43.89
N THR E 195 -30.79 9.58 -43.07
CA THR E 195 -31.51 10.85 -42.91
C THR E 195 -30.61 11.94 -42.31
N PHE E 196 -29.71 11.56 -41.39
CA PHE E 196 -28.84 12.55 -40.77
C PHE E 196 -27.80 13.02 -41.79
N TRP E 197 -27.24 12.07 -42.55
CA TRP E 197 -26.27 12.36 -43.61
C TRP E 197 -26.93 13.22 -44.74
N GLN E 198 -28.23 13.00 -44.99
CA GLN E 198 -28.95 13.74 -46.05
C GLN E 198 -29.29 15.20 -45.72
N ASN E 199 -29.13 15.63 -44.46
CA ASN E 199 -29.41 17.00 -44.05
C ASN E 199 -28.19 17.89 -44.40
N PRO E 200 -28.33 18.89 -45.32
CA PRO E 200 -27.16 19.71 -45.71
C PRO E 200 -26.63 20.68 -44.64
N ARG E 201 -27.34 20.82 -43.53
CA ARG E 201 -26.99 21.64 -42.36
C ARG E 201 -26.11 20.84 -41.38
N ASN E 202 -25.92 19.55 -41.62
CA ASN E 202 -25.09 18.77 -40.73
C ASN E 202 -23.65 18.83 -41.19
N HIS E 203 -22.77 19.17 -40.27
CA HIS E 203 -21.33 19.34 -40.51
C HIS E 203 -20.53 18.21 -39.85
N PHE E 204 -19.56 17.64 -40.59
CA PHE E 204 -18.71 16.55 -40.06
C PHE E 204 -17.24 16.95 -40.16
N ARG E 205 -16.47 16.66 -39.12
CA ARG E 205 -15.05 16.97 -39.16
C ARG E 205 -14.25 15.86 -38.57
N CYS E 206 -13.23 15.38 -39.32
CA CYS E 206 -12.28 14.43 -38.78
C CYS E 206 -11.06 15.24 -38.40
N GLN E 207 -10.69 15.22 -37.11
CA GLN E 207 -9.55 16.02 -36.63
C GLN E 207 -8.43 15.12 -36.19
N VAL E 208 -7.20 15.42 -36.62
CA VAL E 208 -6.06 14.62 -36.19
C VAL E 208 -5.04 15.54 -35.56
N GLN E 209 -4.82 15.37 -34.25
CA GLN E 209 -3.78 16.09 -33.52
C GLN E 209 -2.51 15.25 -33.64
N PHE E 210 -1.44 15.87 -34.15
CA PHE E 210 -0.15 15.24 -34.31
C PHE E 210 0.81 15.89 -33.35
N TYR E 211 1.56 15.08 -32.60
CA TYR E 211 2.55 15.58 -31.64
C TYR E 211 3.92 15.42 -32.23
N GLY E 212 4.45 16.52 -32.75
CA GLY E 212 5.73 16.57 -33.43
C GLY E 212 6.75 17.43 -32.74
N LEU E 213 7.40 18.29 -33.51
CA LEU E 213 8.47 19.13 -32.98
C LEU E 213 7.93 20.35 -32.22
N SER E 214 8.73 20.86 -31.27
CA SER E 214 8.42 22.03 -30.43
C SER E 214 9.19 23.25 -30.96
N GLU E 215 9.01 24.42 -30.33
CA GLU E 215 9.70 25.66 -30.71
C GLU E 215 11.20 25.57 -30.40
N ASN E 216 11.54 25.04 -29.21
CA ASN E 216 12.94 24.89 -28.78
C ASN E 216 13.67 23.73 -29.50
N ASP E 217 12.97 23.04 -30.42
CA ASP E 217 13.52 21.94 -31.22
C ASP E 217 14.12 22.56 -32.47
N GLU E 218 15.44 22.40 -32.62
CA GLU E 218 16.20 22.91 -33.76
C GLU E 218 15.81 22.14 -35.00
N TRP E 219 15.64 22.81 -36.15
CA TRP E 219 15.27 22.13 -37.41
C TRP E 219 16.13 22.72 -38.49
N THR E 220 17.05 21.91 -39.01
CA THR E 220 18.01 22.36 -40.04
C THR E 220 17.66 21.81 -41.43
N GLN E 221 16.48 21.17 -41.57
CA GLN E 221 16.09 20.56 -42.84
C GLN E 221 15.43 21.55 -43.75
N ASP E 222 15.45 21.25 -45.05
CA ASP E 222 14.83 22.11 -46.07
C ASP E 222 13.29 22.09 -45.98
N ARG E 223 12.68 20.90 -45.88
CA ARG E 223 11.21 20.75 -45.83
C ARG E 223 10.51 21.45 -44.63
N ALA E 224 9.17 21.64 -44.74
CA ALA E 224 8.31 22.29 -43.71
C ALA E 224 8.42 21.55 -42.38
N LYS E 225 8.77 22.29 -41.31
CA LYS E 225 9.02 21.76 -39.97
C LYS E 225 7.77 20.98 -39.45
N PRO E 226 7.94 19.67 -39.14
CA PRO E 226 6.80 18.87 -38.67
C PRO E 226 6.48 19.17 -37.21
N VAL E 227 5.95 20.36 -36.97
CA VAL E 227 5.60 20.83 -35.64
C VAL E 227 4.34 20.14 -35.13
N THR E 228 4.08 20.23 -33.82
CA THR E 228 2.84 19.74 -33.22
C THR E 228 1.74 20.58 -33.86
N GLN E 229 0.71 19.92 -34.39
CA GLN E 229 -0.34 20.64 -35.13
C GLN E 229 -1.60 19.79 -35.22
N ILE E 230 -2.69 20.43 -35.65
CA ILE E 230 -3.97 19.77 -35.96
C ILE E 230 -4.14 19.79 -37.49
N VAL E 231 -4.47 18.64 -38.05
CA VAL E 231 -4.73 18.47 -39.50
C VAL E 231 -6.17 17.93 -39.55
N SER E 232 -7.05 18.64 -40.28
CA SER E 232 -8.46 18.20 -40.34
C SER E 232 -8.96 17.94 -41.73
N ALA E 233 -10.09 17.25 -41.87
CA ALA E 233 -10.78 17.04 -43.16
C ALA E 233 -12.26 17.12 -42.83
N GLU E 234 -13.01 17.88 -43.65
CA GLU E 234 -14.42 18.20 -43.37
C GLU E 234 -15.36 17.87 -44.52
N ALA E 235 -16.62 17.60 -44.19
CA ALA E 235 -17.68 17.30 -45.18
C ALA E 235 -19.04 17.72 -44.59
N TRP E 236 -19.98 18.04 -45.46
CA TRP E 236 -21.34 18.42 -45.06
C TRP E 236 -22.26 17.34 -45.55
N GLY E 237 -23.41 17.19 -44.90
CA GLY E 237 -24.40 16.24 -45.40
C GLY E 237 -24.97 16.78 -46.70
N ARG E 238 -25.61 15.91 -47.50
CA ARG E 238 -26.23 16.34 -48.77
C ARG E 238 -27.40 15.42 -49.14
N ALA E 239 -28.45 16.00 -49.76
CA ALA E 239 -29.65 15.29 -50.19
C ALA E 239 -29.42 14.20 -51.25
N ASP E 240 -28.55 14.47 -52.25
CA ASP E 240 -28.28 13.53 -53.34
C ASP E 240 -26.83 13.07 -53.38
NA NA F . -14.85 -11.82 2.75
NA NA G . -4.62 -17.11 5.80
NA NA H . -30.68 16.14 -38.90
NA NA I . -6.87 10.28 -6.24
#